data_7X8S
#
_entry.id   7X8S
#
loop_
_entity.id
_entity.type
_entity.pdbx_description
1 polymer 'Guanine nucleotide-binding protein G(s) subunit alpha isoforms short'
2 polymer 'Guanine nucleotide-binding protein G(I)/G(S)/G(T) subunit beta-1'
3 polymer 'Guanine nucleotide-binding protein G(I)/G(S)/G(O) subunit gamma-2'
4 polymer Nanobody-35
5 polymer 'Glucagon-like peptide 1 receptor'
6 non-polymer '2,4-bis(3-methoxy-4-thiophen-2-ylcarbonyloxy-phenyl)-1,3-bis[[4-(2-methylpropanoylamino)phenyl]carbonylamino]cyclobutane-1,3-dicarboxylic acid'
#
loop_
_entity_poly.entity_id
_entity_poly.type
_entity_poly.pdbx_seq_one_letter_code
_entity_poly.pdbx_strand_id
1 'polypeptide(L)'
;MGCLGNSKTEDQRNEEKAQREANKKIEKQLQKDKQVYRATHRLLLLGAGESGKNTIVKQMRILHVNGFNGEGGEEDPQAA
RSNSDGEKATKVQDIKNNLKEAIETIVAAMSNLVPPVELANPENQFRVDYILSVMNVPDFDFPPEFYEHAKALWEDEGVR
ACYERSNEYQLIDCAQYFLDKIDVIKQADYVPSDQDLLRCRVLTSGIFETKFQVDKVNFHMFDVGAQRDERRKWIQCFND
VTAIIFVVASSSYNMVIREDNQTNRLQAALKLFDSIWNNKWLRDTSVILFLNKQDLLAEKVLAGKSKIEDYFPEFARYTT
PEDATPEPGEDPRVTRAKYFIRDEFLRISTASGDGRHYCYPHFTCAVDTENIRRVFNDCRDIIQRMHLRQYELL
;
A
2 'polypeptide(L)'
;MGSLLQSELDQLRQEAEQLKNQIRDARKACADATLSQITNNIDPVGRIQMRTRRTLRGHLAKIYAMHWGTDSRLLVSASQ
DGKLIIWDSYTTNKVHAIPLRSSWVMTCAYAPSGNYVACGGLDNICSIYNLKTREGNVRVSRELAGHTGYLSCCRFLDDN
QIVTSSGDTTCALWDIETGQQTTTFTGHTGDVMSLSLAPDTRLFVSGACDASAKLWDVREGMCRQTFTGHESDINAICFF
PNGNAFATGSDDATCRLFDLRADQELMTYSHDNIICGITSVSFSKSGRLLLAGYDDFNCNVWDALKADRAGVLAGHDNRV
SCLGVTDDGMAVATGSWDSFLKIWN
;
B
3 'polypeptide(L)' ASNNTASIAQARKLVEQLKMEANIDRIKVSKAAADLMAYCEAHAKEDPLLTPVPASENPFREKKFFCAIL G
4 'polypeptide(L)'
;MAQVQLQESGGGLVQPGGSLRLSCAASGFTFSNYKMNWVRQAPGKGLEWVSDISQSGASISYTGSVKGRFTISRDNAKNT
LYLQMNSLKPEDTAVYYCARCPAPFTRDCFDVTSTTYAYRGQGTQVTVSSHHHHHHEPEA
;
N
5 'polypeptide(L)'
;RPQGATVSLWETVQKWREYRRQCQRSLTEDPPPATDLFCNRTFDEYACWPDGEPGSFVNVSCPWYLPWASSVPQGHVYRF
CTAEGLWLQKDNSSLPWRDLSECEESKRGERSSPEEQLLFLYIIYTVGYALSFSALVIASAILLGFRHLHCTRNYIHLNL
FASFILRALSVFIKDAALKWMYSTAAQQHQWDGLLSYQDSLSCRLVFLLMQYCVAANYYWLLVEGVYLYTLLAFSVFSEQ
WIFRLYVSIGWGVPLLFVVPWGIVKYLYEDEGCWTRNSNMNYWLIIRLPILFAIGVNFLIFVRVICIVVSKLKANLMCKT
DIKCRLAKSTLTLIPLLGTHEVIFAFVMDEHARGTLRFIKLFTELSFTSFQGLMVAILYCFVNNEVQLEFRKSWERWRLE
HLHIQRDSSMKPLKCPTSSLSSGATAGSSMYTATCQASCS
;
R
#
loop_
_chem_comp.id
_chem_comp.type
_chem_comp.name
_chem_comp.formula
WB2 non-polymer '2,4-bis(3-methoxy-4-thiophen-2-ylcarbonyloxy-phenyl)-1,3-bis[[4-(2-methylpropanoylamino)phenyl]carbonylamino]cyclobutane-1,3-dicarboxylic acid' 'C52 H48 N4 O14 S2'
#
# COMPACT_ATOMS: atom_id res chain seq x y z
N GLN A 12 -30.34 24.48 -21.93
CA GLN A 12 -29.10 24.61 -21.18
C GLN A 12 -28.86 23.38 -20.29
N ARG A 13 -29.84 23.08 -19.43
CA ARG A 13 -29.71 21.95 -18.52
C ARG A 13 -29.59 20.62 -19.26
N ASN A 14 -30.01 20.57 -20.53
CA ASN A 14 -29.91 19.32 -21.28
C ASN A 14 -28.46 18.86 -21.42
N GLU A 15 -27.54 19.80 -21.65
CA GLU A 15 -26.13 19.44 -21.80
C GLU A 15 -25.59 18.81 -20.52
N GLU A 16 -25.61 19.58 -19.42
CA GLU A 16 -25.10 19.07 -18.15
C GLU A 16 -25.82 17.80 -17.71
N LYS A 17 -27.11 17.66 -18.06
CA LYS A 17 -27.79 16.41 -17.79
C LYS A 17 -27.21 15.27 -18.61
N ALA A 18 -26.81 15.55 -19.86
CA ALA A 18 -26.18 14.53 -20.68
C ALA A 18 -24.84 14.09 -20.10
N GLN A 19 -24.02 15.05 -19.65
CA GLN A 19 -22.77 14.65 -19.01
C GLN A 19 -23.04 13.91 -17.69
N ARG A 20 -24.08 14.30 -16.95
CA ARG A 20 -24.40 13.57 -15.72
C ARG A 20 -24.81 12.14 -16.03
N GLU A 21 -25.59 11.93 -17.09
CA GLU A 21 -25.95 10.58 -17.49
C GLU A 21 -24.73 9.77 -17.91
N ALA A 22 -23.81 10.40 -18.63
CA ALA A 22 -22.56 9.73 -19.01
C ALA A 22 -21.78 9.32 -17.77
N ASN A 23 -21.68 10.22 -16.78
CA ASN A 23 -20.98 9.89 -15.55
C ASN A 23 -21.66 8.75 -14.81
N LYS A 24 -22.99 8.74 -14.80
CA LYS A 24 -23.70 7.65 -14.12
C LYS A 24 -23.45 6.31 -14.78
N LYS A 25 -23.51 6.26 -16.10
CA LYS A 25 -23.25 5.00 -16.79
C LYS A 25 -21.79 4.56 -16.61
N ILE A 26 -20.86 5.52 -16.62
CA ILE A 26 -19.46 5.19 -16.40
C ILE A 26 -19.25 4.66 -14.99
N GLU A 27 -19.90 5.29 -14.00
CA GLU A 27 -19.77 4.81 -12.63
C GLU A 27 -20.36 3.42 -12.47
N LYS A 28 -21.47 3.13 -13.16
CA LYS A 28 -22.01 1.78 -13.13
C LYS A 28 -21.02 0.78 -13.69
N GLN A 29 -20.37 1.13 -14.81
CA GLN A 29 -19.35 0.25 -15.37
C GLN A 29 -18.20 0.05 -14.39
N LEU A 30 -17.79 1.12 -13.70
CA LEU A 30 -16.72 0.99 -12.72
C LEU A 30 -17.12 0.13 -11.54
N GLN A 31 -18.38 0.18 -11.11
CA GLN A 31 -18.82 -0.72 -10.05
C GLN A 31 -18.79 -2.17 -10.50
N LYS A 32 -19.20 -2.44 -11.74
CA LYS A 32 -19.10 -3.80 -12.25
C LYS A 32 -17.65 -4.27 -12.32
N ASP A 33 -16.75 -3.38 -12.74
CA ASP A 33 -15.33 -3.73 -12.82
C ASP A 33 -14.73 -3.92 -11.43
N LYS A 34 -15.18 -3.16 -10.43
CA LYS A 34 -14.73 -3.38 -9.06
C LYS A 34 -15.22 -4.72 -8.55
N GLN A 35 -16.45 -5.10 -8.88
CA GLN A 35 -16.97 -6.40 -8.47
C GLN A 35 -16.15 -7.53 -9.08
N VAL A 36 -15.77 -7.41 -10.35
CA VAL A 36 -14.99 -8.49 -10.96
C VAL A 36 -13.51 -8.44 -10.56
N TYR A 37 -13.02 -7.28 -10.14
CA TYR A 37 -11.61 -7.10 -9.80
C TYR A 37 -11.30 -7.51 -8.36
N ARG A 38 -12.17 -7.16 -7.42
CA ARG A 38 -11.94 -7.50 -6.02
C ARG A 38 -12.06 -8.99 -5.74
N ALA A 39 -12.56 -9.77 -6.69
CA ALA A 39 -12.78 -11.19 -6.49
C ALA A 39 -11.68 -12.06 -7.08
N THR A 40 -10.60 -11.47 -7.57
CA THR A 40 -9.51 -12.22 -8.18
C THR A 40 -8.23 -12.02 -7.36
N HIS A 41 -7.37 -13.03 -7.40
CA HIS A 41 -6.14 -13.04 -6.63
C HIS A 41 -4.96 -12.91 -7.59
N ARG A 42 -4.14 -11.90 -7.39
CA ARG A 42 -2.99 -11.64 -8.24
C ARG A 42 -1.73 -12.14 -7.55
N LEU A 43 -0.98 -13.00 -8.23
CA LEU A 43 0.23 -13.61 -7.70
C LEU A 43 1.40 -13.21 -8.59
N LEU A 44 2.47 -12.74 -7.97
CA LEU A 44 3.70 -12.43 -8.68
C LEU A 44 4.61 -13.64 -8.58
N LEU A 45 4.83 -14.31 -9.70
CA LEU A 45 5.66 -15.50 -9.74
C LEU A 45 7.11 -15.08 -10.01
N LEU A 46 7.99 -15.38 -9.07
CA LEU A 46 9.40 -15.01 -9.16
C LEU A 46 10.26 -16.26 -9.26
N GLY A 47 11.57 -16.07 -9.22
CA GLY A 47 12.52 -17.15 -9.32
C GLY A 47 13.65 -16.78 -10.24
N ALA A 48 14.38 -17.80 -10.72
CA ALA A 48 15.52 -17.61 -11.59
C ALA A 48 15.35 -18.44 -12.85
N GLY A 49 16.24 -18.21 -13.82
CA GLY A 49 16.14 -18.90 -15.09
C GLY A 49 16.28 -20.41 -14.97
N GLU A 50 17.10 -20.87 -14.04
CA GLU A 50 17.34 -22.28 -13.82
C GLU A 50 16.40 -22.90 -12.79
N SER A 51 15.52 -22.11 -12.18
CA SER A 51 14.66 -22.63 -11.12
C SER A 51 13.64 -23.62 -11.66
N GLY A 52 12.96 -23.26 -12.74
CA GLY A 52 11.94 -24.09 -13.32
C GLY A 52 10.52 -23.54 -13.27
N LYS A 53 10.35 -22.23 -13.07
CA LYS A 53 9.02 -21.66 -13.06
C LYS A 53 8.33 -21.79 -14.42
N ASN A 54 9.09 -21.99 -15.49
CA ASN A 54 8.49 -22.23 -16.79
C ASN A 54 7.65 -23.51 -16.77
N THR A 55 8.18 -24.58 -16.18
CA THR A 55 7.43 -25.82 -16.09
C THR A 55 6.24 -25.67 -15.15
N ILE A 56 6.38 -24.85 -14.10
CA ILE A 56 5.26 -24.59 -13.20
C ILE A 56 4.13 -23.91 -13.95
N VAL A 57 4.46 -22.91 -14.78
CA VAL A 57 3.44 -22.21 -15.56
C VAL A 57 2.81 -23.16 -16.57
N LYS A 58 3.64 -23.93 -17.27
CA LYS A 58 3.12 -24.81 -18.32
C LYS A 58 2.21 -25.89 -17.74
N GLN A 59 2.58 -26.45 -16.58
CA GLN A 59 1.81 -27.55 -16.01
C GLN A 59 0.40 -27.11 -15.65
N MET A 60 0.26 -25.92 -15.06
CA MET A 60 -1.06 -25.41 -14.68
C MET A 60 -1.68 -24.53 -15.77
N ARG A 61 -1.10 -24.50 -16.96
CA ARG A 61 -1.71 -23.80 -18.09
C ARG A 61 -2.83 -24.65 -18.69
N ILE A 62 -3.82 -24.93 -17.83
CA ILE A 62 -4.98 -25.73 -18.20
C ILE A 62 -6.24 -24.98 -17.80
N LEU A 63 -6.07 -23.70 -17.46
CA LEU A 63 -7.17 -22.83 -17.04
C LEU A 63 -7.97 -23.44 -15.88
CA THR A 204 8.79 -8.13 -26.93
C THR A 204 7.82 -7.76 -25.82
N SER A 205 7.16 -8.76 -25.25
CA SER A 205 6.20 -8.54 -24.17
C SER A 205 6.93 -8.60 -22.83
N GLY A 206 6.83 -7.53 -22.05
CA GLY A 206 7.53 -7.42 -20.79
C GLY A 206 6.92 -8.14 -19.63
N ILE A 207 5.76 -8.77 -19.80
CA ILE A 207 5.13 -9.53 -18.74
C ILE A 207 4.24 -10.58 -19.38
N PHE A 208 4.13 -11.72 -18.73
CA PHE A 208 3.28 -12.81 -19.18
C PHE A 208 2.06 -12.91 -18.28
N GLU A 209 1.10 -13.71 -18.71
CA GLU A 209 -0.17 -13.81 -18.00
C GLU A 209 -0.69 -15.23 -18.11
N THR A 210 -1.19 -15.75 -16.99
CA THR A 210 -1.86 -17.04 -16.98
C THR A 210 -3.00 -17.01 -15.97
N LYS A 211 -4.19 -17.34 -16.43
CA LYS A 211 -5.38 -17.37 -15.59
C LYS A 211 -5.72 -18.82 -15.30
N PHE A 212 -5.92 -19.14 -14.03
CA PHE A 212 -6.34 -20.47 -13.65
C PHE A 212 -7.28 -20.37 -12.45
N GLN A 213 -8.29 -21.24 -12.44
CA GLN A 213 -9.29 -21.27 -11.39
C GLN A 213 -9.09 -22.51 -10.53
N VAL A 214 -9.08 -22.32 -9.22
CA VAL A 214 -9.04 -23.42 -8.26
C VAL A 214 -10.29 -23.31 -7.40
N ASP A 215 -11.16 -24.31 -7.49
CA ASP A 215 -12.41 -24.34 -6.73
C ASP A 215 -13.23 -23.08 -6.99
N LYS A 216 -13.31 -22.69 -8.27
CA LYS A 216 -14.04 -21.50 -8.70
C LYS A 216 -13.54 -20.23 -8.01
N VAL A 217 -12.22 -20.11 -7.88
CA VAL A 217 -11.57 -18.90 -7.40
C VAL A 217 -10.59 -18.44 -8.46
N ASN A 218 -10.68 -17.17 -8.84
CA ASN A 218 -9.84 -16.65 -9.91
C ASN A 218 -8.44 -16.34 -9.41
N PHE A 219 -7.45 -17.01 -9.97
CA PHE A 219 -6.05 -16.72 -9.69
C PHE A 219 -5.39 -16.16 -10.94
N HIS A 220 -4.54 -15.17 -10.77
CA HIS A 220 -4.13 -14.31 -11.87
C HIS A 220 -2.61 -14.11 -11.72
N MET A 221 -1.84 -15.01 -12.32
CA MET A 221 -0.41 -15.12 -12.06
C MET A 221 0.40 -14.36 -13.09
N PHE A 222 1.35 -13.56 -12.62
CA PHE A 222 2.18 -12.70 -13.47
C PHE A 222 3.61 -13.21 -13.47
N ASP A 223 4.02 -13.78 -14.60
CA ASP A 223 5.40 -14.17 -14.83
C ASP A 223 6.08 -13.04 -15.60
N VAL A 224 7.16 -12.51 -15.05
CA VAL A 224 7.86 -11.38 -15.65
C VAL A 224 8.91 -11.92 -16.61
N GLY A 225 8.89 -11.41 -17.84
CA GLY A 225 9.87 -11.80 -18.84
C GLY A 225 10.23 -10.64 -19.73
N ALA A 226 11.32 -10.81 -20.46
CA ALA A 226 11.81 -9.79 -21.40
C ALA A 226 12.03 -8.45 -20.70
N GLN A 227 12.63 -8.49 -19.52
CA GLN A 227 13.02 -7.30 -18.79
C GLN A 227 14.52 -7.34 -18.50
N ARG A 228 15.04 -6.20 -18.07
CA ARG A 228 16.46 -6.12 -17.77
C ARG A 228 16.75 -6.74 -16.41
N ASP A 229 18.05 -6.88 -16.12
CA ASP A 229 18.48 -7.55 -14.89
C ASP A 229 18.01 -6.80 -13.65
N GLU A 230 18.14 -5.48 -13.64
CA GLU A 230 17.75 -4.69 -12.49
C GLU A 230 16.23 -4.75 -12.29
N ARG A 231 15.80 -4.95 -11.05
CA ARG A 231 14.38 -5.14 -10.78
C ARG A 231 13.94 -4.40 -9.52
N ARG A 232 14.60 -3.29 -9.19
CA ARG A 232 14.24 -2.53 -8.00
C ARG A 232 13.29 -1.39 -8.26
N LYS A 233 12.94 -1.12 -9.52
CA LYS A 233 12.04 -0.02 -9.85
C LYS A 233 10.70 -0.47 -10.39
N TRP A 234 10.62 -1.62 -11.03
CA TRP A 234 9.33 -2.16 -11.43
C TRP A 234 8.76 -3.15 -10.41
N ILE A 235 9.54 -3.52 -9.39
CA ILE A 235 9.02 -4.41 -8.36
C ILE A 235 8.03 -3.68 -7.45
N GLN A 236 8.05 -2.35 -7.46
CA GLN A 236 7.11 -1.60 -6.64
C GLN A 236 5.69 -1.65 -7.17
N CYS A 237 5.52 -2.02 -8.44
CA CYS A 237 4.18 -2.19 -8.99
C CYS A 237 3.42 -3.34 -8.34
N PHE A 238 4.13 -4.28 -7.73
CA PHE A 238 3.54 -5.50 -7.18
C PHE A 238 3.42 -5.45 -5.67
N ASN A 239 3.13 -4.28 -5.11
CA ASN A 239 2.96 -4.17 -3.67
C ASN A 239 1.51 -4.36 -3.24
N ASP A 240 0.61 -4.67 -4.18
CA ASP A 240 -0.79 -4.93 -3.87
C ASP A 240 -1.19 -6.37 -4.19
N VAL A 241 -0.24 -7.23 -4.54
CA VAL A 241 -0.57 -8.59 -4.91
C VAL A 241 -0.88 -9.40 -3.66
N THR A 242 -1.64 -10.49 -3.84
CA THR A 242 -1.97 -11.35 -2.72
C THR A 242 -0.72 -12.03 -2.16
N ALA A 243 0.12 -12.56 -3.03
CA ALA A 243 1.30 -13.28 -2.59
C ALA A 243 2.37 -13.18 -3.66
N ILE A 244 3.59 -13.52 -3.28
CA ILE A 244 4.74 -13.54 -4.18
C ILE A 244 5.27 -14.96 -4.19
N ILE A 245 4.97 -15.72 -5.25
CA ILE A 245 5.54 -17.05 -5.36
C ILE A 245 7.01 -16.93 -5.71
N PHE A 246 7.85 -17.67 -4.99
CA PHE A 246 9.31 -17.58 -5.13
C PHE A 246 9.86 -18.99 -5.29
N VAL A 247 9.91 -19.47 -6.52
CA VAL A 247 10.37 -20.82 -6.78
C VAL A 247 11.89 -20.87 -6.78
N VAL A 248 12.45 -21.93 -6.19
CA VAL A 248 13.88 -22.11 -6.04
C VAL A 248 14.26 -23.52 -6.48
N ALA A 249 15.40 -23.64 -7.15
CA ALA A 249 15.95 -24.94 -7.51
C ALA A 249 16.79 -25.46 -6.35
N SER A 250 16.29 -26.50 -5.68
CA SER A 250 16.95 -27.01 -4.49
C SER A 250 18.33 -27.59 -4.82
N SER A 251 18.45 -28.26 -5.97
CA SER A 251 19.69 -28.88 -6.38
C SER A 251 20.63 -27.92 -7.10
N SER A 252 20.49 -26.61 -6.85
CA SER A 252 21.29 -25.62 -7.57
C SER A 252 22.76 -25.71 -7.18
N TYR A 253 23.07 -26.14 -5.97
CA TYR A 253 24.46 -26.25 -5.55
C TYR A 253 25.20 -27.28 -6.39
N ASN A 254 26.51 -27.09 -6.53
CA ASN A 254 27.37 -27.98 -7.29
C ASN A 254 26.89 -28.11 -8.74
N THR A 263 28.65 -22.63 -10.10
CA THR A 263 29.16 -22.79 -8.74
C THR A 263 28.05 -23.26 -7.79
N ASN A 264 27.81 -22.49 -6.74
CA ASN A 264 26.76 -22.85 -5.79
C ASN A 264 25.39 -22.41 -6.30
N ARG A 265 25.20 -21.10 -6.48
CA ARG A 265 24.00 -20.48 -7.02
C ARG A 265 22.80 -20.64 -6.09
N LEU A 266 22.94 -21.36 -4.97
CA LEU A 266 21.86 -21.45 -3.99
C LEU A 266 21.94 -20.33 -2.97
N GLN A 267 23.13 -19.83 -2.68
CA GLN A 267 23.27 -18.65 -1.82
C GLN A 267 22.72 -17.40 -2.51
N ALA A 268 22.82 -17.34 -3.84
CA ALA A 268 22.24 -16.22 -4.58
C ALA A 268 20.73 -16.22 -4.49
N ALA A 269 20.12 -17.38 -4.24
CA ALA A 269 18.67 -17.45 -4.02
C ALA A 269 18.30 -16.94 -2.64
N LEU A 270 19.11 -17.25 -1.63
CA LEU A 270 18.86 -16.73 -0.29
C LEU A 270 18.98 -15.21 -0.26
N LYS A 271 19.98 -14.66 -0.97
CA LYS A 271 20.13 -13.21 -1.01
C LYS A 271 18.99 -12.55 -1.78
N LEU A 272 18.47 -13.23 -2.80
CA LEU A 272 17.29 -12.73 -3.48
C LEU A 272 16.08 -12.73 -2.56
N PHE A 273 15.90 -13.80 -1.79
CA PHE A 273 14.80 -13.86 -0.83
C PHE A 273 15.03 -12.90 0.34
N ASP A 274 16.29 -12.65 0.67
CA ASP A 274 16.60 -11.69 1.73
C ASP A 274 16.17 -10.28 1.35
N SER A 275 16.39 -9.89 0.09
CA SER A 275 16.09 -8.53 -0.35
C SER A 275 14.60 -8.33 -0.56
N ILE A 276 13.89 -9.35 -1.06
CA ILE A 276 12.44 -9.27 -1.18
C ILE A 276 11.80 -9.12 0.18
N TRP A 277 12.28 -9.89 1.16
CA TRP A 277 11.63 -9.93 2.47
C TRP A 277 11.65 -8.56 3.13
N ASN A 278 12.76 -7.84 3.05
CA ASN A 278 12.94 -6.59 3.79
C ASN A 278 12.75 -5.35 2.93
N ASN A 279 12.22 -5.48 1.72
CA ASN A 279 11.93 -4.31 0.91
C ASN A 279 10.83 -3.48 1.57
N LYS A 280 10.86 -2.17 1.33
CA LYS A 280 9.94 -1.27 2.01
C LYS A 280 8.49 -1.56 1.64
N TRP A 281 8.22 -1.78 0.36
CA TRP A 281 6.85 -1.96 -0.12
C TRP A 281 6.39 -3.41 -0.06
N LEU A 282 7.29 -4.35 0.18
CA LEU A 282 6.94 -5.76 0.26
C LEU A 282 6.91 -6.26 1.70
N ARG A 283 6.85 -5.35 2.67
CA ARG A 283 6.80 -5.74 4.07
C ARG A 283 5.50 -6.46 4.44
N ASP A 284 4.43 -6.26 3.67
CA ASP A 284 3.15 -6.88 3.97
C ASP A 284 2.81 -8.05 3.06
N THR A 285 3.51 -8.20 1.93
CA THR A 285 3.19 -9.25 0.97
C THR A 285 3.83 -10.56 1.41
N SER A 286 2.99 -11.54 1.73
CA SER A 286 3.48 -12.84 2.16
C SER A 286 4.02 -13.62 0.96
N VAL A 287 5.07 -14.39 1.21
CA VAL A 287 5.80 -15.09 0.16
C VAL A 287 5.50 -16.58 0.28
N ILE A 288 5.03 -17.18 -0.80
CA ILE A 288 4.90 -18.62 -0.90
C ILE A 288 6.18 -19.15 -1.52
N LEU A 289 6.84 -20.08 -0.84
CA LEU A 289 8.14 -20.57 -1.25
C LEU A 289 8.01 -21.99 -1.78
N PHE A 290 8.47 -22.20 -3.01
CA PHE A 290 8.46 -23.51 -3.64
C PHE A 290 9.89 -23.98 -3.80
N LEU A 291 10.21 -25.11 -3.19
CA LEU A 291 11.54 -25.72 -3.32
C LEU A 291 11.43 -26.71 -4.48
N ASN A 292 11.77 -26.23 -5.69
CA ASN A 292 11.61 -27.02 -6.90
C ASN A 292 12.80 -27.96 -7.06
N LYS A 293 12.75 -28.80 -8.08
CA LYS A 293 13.80 -29.78 -8.36
C LYS A 293 14.05 -30.67 -7.16
N GLN A 294 12.99 -31.03 -6.44
CA GLN A 294 13.12 -31.97 -5.34
C GLN A 294 13.44 -33.39 -5.80
N ASP A 295 13.25 -33.68 -7.08
CA ASP A 295 13.66 -34.96 -7.63
C ASP A 295 15.17 -35.01 -7.87
N LEU A 296 15.70 -34.01 -8.59
CA LEU A 296 17.12 -34.00 -8.92
C LEU A 296 17.99 -33.86 -7.68
N LEU A 297 17.46 -33.30 -6.60
CA LEU A 297 18.20 -33.22 -5.36
C LEU A 297 18.45 -34.61 -4.77
N ALA A 298 17.49 -35.53 -4.96
CA ALA A 298 17.61 -36.86 -4.38
C ALA A 298 18.83 -37.60 -4.89
N GLU A 299 19.06 -37.59 -6.20
CA GLU A 299 20.23 -38.29 -6.74
C GLU A 299 21.50 -37.51 -6.49
N LYS A 300 21.43 -36.17 -6.45
CA LYS A 300 22.63 -35.38 -6.21
C LYS A 300 23.22 -35.68 -4.82
N VAL A 301 22.36 -35.82 -3.81
CA VAL A 301 22.87 -36.16 -2.49
C VAL A 301 23.13 -37.66 -2.38
N LEU A 302 22.41 -38.49 -3.12
CA LEU A 302 22.66 -39.93 -3.16
C LEU A 302 23.65 -40.27 -4.26
N ALA A 303 24.74 -39.51 -4.33
CA ALA A 303 25.81 -39.77 -5.28
C ALA A 303 27.20 -39.70 -4.68
N GLY A 304 27.40 -39.05 -3.55
CA GLY A 304 28.70 -38.87 -2.94
C GLY A 304 29.42 -37.62 -3.39
N LYS A 305 29.30 -37.26 -4.66
CA LYS A 305 29.96 -36.09 -5.22
C LYS A 305 29.07 -34.84 -5.10
N SER A 306 28.58 -34.58 -3.89
CA SER A 306 27.78 -33.39 -3.61
C SER A 306 28.51 -32.45 -2.65
N LYS A 307 28.88 -32.94 -1.46
CA LYS A 307 29.65 -32.17 -0.49
C LYS A 307 28.98 -30.83 -0.18
N ILE A 308 27.77 -30.93 0.41
CA ILE A 308 27.03 -29.73 0.78
C ILE A 308 27.74 -28.95 1.88
N GLU A 309 28.62 -29.61 2.63
CA GLU A 309 29.23 -28.96 3.80
C GLU A 309 30.18 -27.82 3.39
N ASP A 310 30.78 -27.89 2.21
CA ASP A 310 31.72 -26.84 1.82
C ASP A 310 30.99 -25.55 1.46
N TYR A 311 29.88 -25.65 0.74
CA TYR A 311 29.08 -24.46 0.44
C TYR A 311 28.49 -23.87 1.72
N PHE A 312 27.94 -24.71 2.57
CA PHE A 312 27.37 -24.29 3.85
C PHE A 312 28.02 -25.08 4.97
N PRO A 313 28.87 -24.47 5.79
CA PRO A 313 29.51 -25.23 6.88
C PRO A 313 28.55 -25.79 7.90
N GLU A 314 27.39 -25.14 8.09
CA GLU A 314 26.48 -25.52 9.17
C GLU A 314 25.76 -26.83 8.91
N PHE A 315 25.87 -27.42 7.72
CA PHE A 315 25.16 -28.66 7.45
C PHE A 315 25.70 -29.82 8.29
N ALA A 316 26.99 -29.78 8.65
CA ALA A 316 27.54 -30.84 9.48
C ALA A 316 26.91 -30.84 10.87
N ARG A 317 26.66 -29.66 11.44
CA ARG A 317 26.14 -29.52 12.79
C ARG A 317 24.63 -29.48 12.84
N TYR A 318 23.95 -29.70 11.72
CA TYR A 318 22.49 -29.62 11.66
C TYR A 318 21.88 -31.01 11.80
N THR A 319 20.86 -31.11 12.64
CA THR A 319 20.15 -32.36 12.88
C THR A 319 18.70 -32.20 12.44
N THR A 320 18.12 -33.29 11.95
CA THR A 320 16.76 -33.27 11.43
C THR A 320 15.80 -32.80 12.52
N PRO A 321 14.95 -31.82 12.24
CA PRO A 321 14.05 -31.31 13.28
C PRO A 321 13.01 -32.34 13.68
N GLU A 322 12.52 -32.19 14.91
CA GLU A 322 11.53 -33.12 15.44
C GLU A 322 10.23 -33.09 14.62
N ASP A 323 9.80 -31.91 14.21
CA ASP A 323 8.55 -31.76 13.47
C ASP A 323 8.67 -32.17 12.01
N ALA A 324 9.75 -32.84 11.63
CA ALA A 324 9.89 -33.34 10.27
C ALA A 324 8.90 -34.46 10.01
N THR A 325 8.32 -34.47 8.81
CA THR A 325 7.38 -35.50 8.39
C THR A 325 7.81 -36.06 7.03
N PRO A 326 8.92 -36.79 7.01
CA PRO A 326 9.45 -37.28 5.72
C PRO A 326 8.52 -38.29 5.07
N GLU A 327 8.55 -38.30 3.74
CA GLU A 327 7.78 -39.27 2.99
C GLU A 327 8.38 -40.67 3.18
N PRO A 328 7.53 -41.70 3.22
CA PRO A 328 8.04 -43.06 3.41
C PRO A 328 8.98 -43.47 2.28
N GLY A 329 10.00 -44.26 2.63
CA GLY A 329 10.98 -44.72 1.68
C GLY A 329 12.10 -43.75 1.38
N GLU A 330 12.13 -42.59 2.05
CA GLU A 330 13.17 -41.60 1.81
C GLU A 330 14.40 -41.90 2.67
N ASP A 331 15.57 -41.77 2.06
CA ASP A 331 16.81 -41.96 2.80
C ASP A 331 16.95 -40.87 3.86
N PRO A 332 17.42 -41.23 5.07
CA PRO A 332 17.63 -40.20 6.10
C PRO A 332 18.62 -39.12 5.68
N ARG A 333 19.64 -39.47 4.89
CA ARG A 333 20.56 -38.46 4.41
C ARG A 333 19.90 -37.53 3.41
N VAL A 334 18.97 -38.06 2.61
CA VAL A 334 18.19 -37.22 1.70
C VAL A 334 17.34 -36.23 2.49
N THR A 335 16.68 -36.72 3.53
CA THR A 335 15.76 -35.86 4.29
C THR A 335 16.51 -34.84 5.13
N ARG A 336 17.68 -35.20 5.66
CA ARG A 336 18.47 -34.22 6.40
C ARG A 336 18.93 -33.09 5.50
N ALA A 337 19.39 -33.41 4.29
CA ALA A 337 19.74 -32.38 3.33
C ALA A 337 18.50 -31.61 2.87
N LYS A 338 17.39 -32.32 2.67
CA LYS A 338 16.17 -31.68 2.19
C LYS A 338 15.68 -30.64 3.17
N TYR A 339 15.71 -30.94 4.47
CA TYR A 339 15.21 -30.04 5.48
C TYR A 339 16.23 -29.00 5.91
N PHE A 340 17.49 -29.13 5.49
CA PHE A 340 18.46 -28.08 5.77
C PHE A 340 18.22 -26.86 4.88
N ILE A 341 17.94 -27.09 3.61
CA ILE A 341 17.67 -26.00 2.67
C ILE A 341 16.45 -25.22 3.11
N ARG A 342 15.38 -25.93 3.48
CA ARG A 342 14.16 -25.26 3.91
C ARG A 342 14.43 -24.37 5.12
N ASP A 343 15.18 -24.86 6.09
CA ASP A 343 15.47 -24.09 7.29
C ASP A 343 16.39 -22.91 7.03
N GLU A 344 17.04 -22.86 5.86
CA GLU A 344 17.82 -21.68 5.51
C GLU A 344 16.90 -20.50 5.16
N PHE A 345 15.86 -20.77 4.37
CA PHE A 345 14.91 -19.72 4.03
C PHE A 345 14.07 -19.33 5.24
N LEU A 346 13.70 -20.31 6.08
CA LEU A 346 12.96 -20.01 7.30
C LEU A 346 13.81 -19.31 8.35
N ARG A 347 15.13 -19.25 8.16
CA ARG A 347 15.95 -18.42 9.05
C ARG A 347 15.77 -16.95 8.73
N ILE A 348 15.72 -16.61 7.44
CA ILE A 348 15.50 -15.21 7.05
C ILE A 348 14.08 -14.78 7.37
N SER A 349 13.09 -15.62 7.06
CA SER A 349 11.70 -15.23 7.22
C SER A 349 11.34 -14.97 8.67
N THR A 350 11.83 -15.81 9.57
CA THR A 350 11.53 -15.64 10.99
C THR A 350 12.37 -14.56 11.65
N ALA A 351 13.39 -14.05 10.98
CA ALA A 351 14.25 -12.99 11.52
C ALA A 351 13.83 -11.67 10.91
N SER A 352 13.39 -10.74 11.76
CA SER A 352 12.97 -9.40 11.34
C SER A 352 11.84 -9.48 10.31
N GLY A 353 10.73 -10.05 10.74
CA GLY A 353 9.54 -10.12 9.90
C GLY A 353 8.26 -9.81 10.66
N ASP A 354 8.37 -9.66 11.97
CA ASP A 354 7.22 -9.41 12.84
C ASP A 354 6.13 -10.46 12.65
N GLY A 355 4.93 -10.01 12.30
CA GLY A 355 3.83 -10.91 12.04
C GLY A 355 2.93 -10.43 10.91
N ARG A 356 3.39 -9.40 10.20
CA ARG A 356 2.59 -8.83 9.11
C ARG A 356 2.61 -9.71 7.86
N HIS A 357 3.69 -10.46 7.64
CA HIS A 357 3.77 -11.35 6.49
C HIS A 357 4.53 -12.62 6.89
N TYR A 358 4.26 -13.69 6.17
CA TYR A 358 4.78 -15.01 6.52
C TYR A 358 5.32 -15.70 5.28
N CYS A 359 5.93 -16.86 5.48
CA CYS A 359 6.47 -17.69 4.41
C CYS A 359 5.88 -19.08 4.52
N TYR A 360 5.59 -19.69 3.37
CA TYR A 360 4.90 -20.98 3.30
C TYR A 360 5.70 -21.94 2.44
N PRO A 361 6.76 -22.54 2.99
CA PRO A 361 7.61 -23.42 2.19
C PRO A 361 6.89 -24.70 1.77
N HIS A 362 7.27 -25.19 0.60
CA HIS A 362 6.73 -26.42 0.05
C HIS A 362 7.82 -27.13 -0.72
N PHE A 363 7.85 -28.46 -0.64
CA PHE A 363 8.82 -29.26 -1.39
C PHE A 363 8.17 -29.75 -2.67
N THR A 364 7.93 -28.80 -3.57
CA THR A 364 7.20 -29.07 -4.80
C THR A 364 8.08 -29.81 -5.79
N CYS A 365 7.51 -30.13 -6.96
CA CYS A 365 8.23 -30.79 -8.03
C CYS A 365 7.60 -30.41 -9.35
N ALA A 366 8.33 -30.68 -10.43
CA ALA A 366 7.85 -30.35 -11.77
C ALA A 366 6.80 -31.32 -12.28
N VAL A 367 6.63 -32.47 -11.63
CA VAL A 367 5.66 -33.47 -12.08
C VAL A 367 4.57 -33.62 -11.03
N ASP A 368 4.30 -32.56 -10.29
CA ASP A 368 3.29 -32.55 -9.24
C ASP A 368 2.09 -31.76 -9.69
N THR A 369 0.90 -32.36 -9.57
CA THR A 369 -0.35 -31.70 -9.91
C THR A 369 -0.94 -30.89 -8.77
N GLU A 370 -0.37 -31.00 -7.57
CA GLU A 370 -0.92 -30.31 -6.41
C GLU A 370 -0.52 -28.85 -6.32
N ASN A 371 0.34 -28.37 -7.23
CA ASN A 371 0.78 -26.98 -7.16
C ASN A 371 -0.38 -26.00 -7.31
N ILE A 372 -1.43 -26.40 -8.02
CA ILE A 372 -2.63 -25.57 -8.08
C ILE A 372 -3.32 -25.53 -6.73
N ARG A 373 -3.32 -26.65 -6.01
CA ARG A 373 -3.95 -26.69 -4.69
C ARG A 373 -3.06 -26.04 -3.64
N ARG A 374 -1.74 -26.21 -3.75
CA ARG A 374 -0.84 -25.62 -2.76
C ARG A 374 -0.89 -24.10 -2.79
N VAL A 375 -1.03 -23.51 -3.97
CA VAL A 375 -1.15 -22.05 -4.06
C VAL A 375 -2.48 -21.59 -3.49
N PHE A 376 -3.55 -22.35 -3.75
CA PHE A 376 -4.86 -21.98 -3.20
C PHE A 376 -4.89 -22.14 -1.69
N ASN A 377 -4.39 -23.27 -1.19
CA ASN A 377 -4.43 -23.52 0.25
C ASN A 377 -3.60 -22.53 1.04
N ASP A 378 -2.63 -21.89 0.42
CA ASP A 378 -1.82 -20.88 1.09
C ASP A 378 -2.31 -19.47 0.84
N CYS A 379 -2.89 -19.20 -0.32
CA CYS A 379 -3.58 -17.92 -0.50
C CYS A 379 -4.79 -17.82 0.42
N ARG A 380 -5.50 -18.93 0.61
CA ARG A 380 -6.61 -18.96 1.56
C ARG A 380 -6.13 -18.65 2.97
N ASP A 381 -4.97 -19.19 3.36
CA ASP A 381 -4.41 -18.89 4.66
C ASP A 381 -4.00 -17.43 4.79
N ILE A 382 -3.54 -16.82 3.70
CA ILE A 382 -3.08 -15.44 3.76
C ILE A 382 -4.25 -14.48 3.93
N ILE A 383 -5.36 -14.70 3.22
CA ILE A 383 -6.50 -13.81 3.35
C ILE A 383 -7.16 -13.94 4.72
N GLN A 384 -7.26 -15.18 5.22
CA GLN A 384 -7.83 -15.38 6.55
C GLN A 384 -7.02 -14.66 7.62
N ARG A 385 -5.69 -14.76 7.53
CA ARG A 385 -4.84 -14.03 8.46
C ARG A 385 -4.96 -12.52 8.31
N MET A 386 -5.33 -12.04 7.13
CA MET A 386 -5.51 -10.60 6.95
C MET A 386 -6.79 -10.10 7.59
N HIS A 387 -7.88 -10.86 7.47
CA HIS A 387 -9.14 -10.46 8.08
C HIS A 387 -9.04 -10.43 9.60
N LEU A 388 -8.39 -11.44 10.18
CA LEU A 388 -8.26 -11.52 11.62
C LEU A 388 -7.39 -10.41 12.20
N ARG A 389 -6.55 -9.78 11.38
CA ARG A 389 -5.77 -8.65 11.86
C ARG A 389 -6.61 -7.38 11.97
N GLN A 390 -7.58 -7.20 11.08
CA GLN A 390 -8.46 -6.04 11.18
C GLN A 390 -9.38 -6.12 12.39
N TYR A 391 -9.71 -7.33 12.83
CA TYR A 391 -10.51 -7.54 14.02
C TYR A 391 -9.67 -7.69 15.27
N GLU A 392 -8.35 -7.61 15.16
CA GLU A 392 -7.44 -7.83 16.28
C GLU A 392 -7.69 -9.18 16.93
N LEU A 393 -7.97 -10.19 16.10
CA LEU A 393 -8.24 -11.54 16.56
C LEU A 393 -7.02 -12.44 16.49
N LEU A 394 -5.84 -11.88 16.22
CA LEU A 394 -4.63 -12.67 16.15
C LEU A 394 -3.48 -12.00 16.90
N GLU B 8 44.96 -0.77 -25.61
CA GLU B 8 44.33 -1.24 -24.38
C GLU B 8 43.27 -0.26 -23.90
N LEU B 9 42.29 -0.77 -23.15
CA LEU B 9 41.24 0.08 -22.62
C LEU B 9 41.68 0.92 -21.42
N ASP B 10 42.79 0.54 -20.77
CA ASP B 10 43.24 1.27 -19.59
C ASP B 10 43.61 2.71 -19.93
N GLN B 11 44.37 2.90 -21.02
CA GLN B 11 44.79 4.25 -21.40
C GLN B 11 43.59 5.11 -21.77
N LEU B 12 42.60 4.53 -22.46
CA LEU B 12 41.37 5.26 -22.74
C LEU B 12 40.63 5.60 -21.45
N ARG B 13 40.69 4.72 -20.46
CA ARG B 13 40.06 5.00 -19.17
C ARG B 13 40.71 6.19 -18.49
N GLN B 14 42.06 6.24 -18.49
CA GLN B 14 42.72 7.40 -17.91
C GLN B 14 42.45 8.67 -18.72
N GLU B 15 42.35 8.55 -20.04
CA GLU B 15 42.01 9.71 -20.86
C GLU B 15 40.62 10.25 -20.50
N ALA B 16 39.65 9.35 -20.34
CA ALA B 16 38.30 9.78 -19.96
C ALA B 16 38.29 10.38 -18.56
N GLU B 17 39.06 9.81 -17.64
CA GLU B 17 39.15 10.36 -16.29
C GLU B 17 39.76 11.76 -16.31
N GLN B 18 40.80 11.96 -17.12
CA GLN B 18 41.40 13.28 -17.24
C GLN B 18 40.43 14.28 -17.86
N LEU B 19 39.65 13.85 -18.86
CA LEU B 19 38.63 14.72 -19.43
C LEU B 19 37.59 15.11 -18.39
N LYS B 20 37.15 14.15 -17.57
CA LYS B 20 36.19 14.44 -16.51
C LYS B 20 36.78 15.42 -15.50
N ASN B 21 38.05 15.23 -15.13
CA ASN B 21 38.70 16.14 -14.20
C ASN B 21 38.80 17.54 -14.78
N GLN B 22 39.12 17.64 -16.07
CA GLN B 22 39.19 18.95 -16.73
C GLN B 22 37.83 19.63 -16.72
N ILE B 23 36.77 18.88 -17.03
CA ILE B 23 35.43 19.46 -17.03
C ILE B 23 35.04 19.91 -15.63
N ARG B 24 35.37 19.10 -14.62
CA ARG B 24 35.06 19.48 -13.24
C ARG B 24 35.82 20.73 -12.83
N ASP B 25 37.10 20.84 -13.23
CA ASP B 25 37.87 22.03 -12.91
C ASP B 25 37.31 23.26 -13.60
N ALA B 26 36.88 23.12 -14.85
CA ALA B 26 36.26 24.25 -15.55
C ALA B 26 34.97 24.67 -14.87
N ARG B 27 34.15 23.69 -14.45
CA ARG B 27 32.92 24.01 -13.75
C ARG B 27 33.20 24.72 -12.43
N LYS B 28 34.22 24.26 -11.70
CA LYS B 28 34.59 24.93 -10.46
C LYS B 28 35.06 26.35 -10.71
N ALA B 29 35.85 26.56 -11.77
CA ALA B 29 36.31 27.90 -12.12
C ALA B 29 35.14 28.81 -12.47
N CYS B 30 34.15 28.28 -13.18
CA CYS B 30 32.98 29.07 -13.53
C CYS B 30 32.13 29.45 -12.32
N ALA B 31 32.35 28.80 -11.18
CA ALA B 31 31.57 29.08 -9.96
C ALA B 31 32.18 30.28 -9.25
N ASP B 32 31.83 31.47 -9.74
CA ASP B 32 32.32 32.69 -9.13
C ASP B 32 31.76 32.87 -7.73
N ALA B 33 30.48 32.58 -7.53
CA ALA B 33 29.84 32.73 -6.24
C ALA B 33 28.63 31.82 -6.18
N THR B 34 28.15 31.58 -4.96
CA THR B 34 26.99 30.74 -4.73
C THR B 34 25.70 31.54 -4.84
N LEU B 35 24.64 30.89 -5.31
CA LEU B 35 23.35 31.54 -5.45
C LEU B 35 22.77 31.95 -4.10
N SER B 36 23.19 31.28 -3.02
CA SER B 36 22.68 31.62 -1.70
C SER B 36 23.06 33.03 -1.29
N GLN B 37 24.30 33.44 -1.59
CA GLN B 37 24.76 34.76 -1.22
C GLN B 37 23.98 35.85 -1.94
N ILE B 38 23.69 35.64 -3.24
CA ILE B 38 22.98 36.64 -4.01
C ILE B 38 21.54 36.78 -3.53
N THR B 39 20.92 35.67 -3.14
CA THR B 39 19.55 35.68 -2.65
C THR B 39 19.47 35.79 -1.13
N ASN B 40 20.61 36.00 -0.45
CA ASN B 40 20.61 36.07 1.00
C ASN B 40 19.83 37.26 1.54
N ASN B 41 19.54 38.25 0.70
CA ASN B 41 18.80 39.45 1.10
C ASN B 41 17.66 39.71 0.15
N ILE B 42 16.91 38.66 -0.18
CA ILE B 42 15.75 38.78 -1.05
C ILE B 42 14.48 38.67 -0.20
N ASP B 43 13.37 39.14 -0.76
CA ASP B 43 12.11 39.15 -0.05
C ASP B 43 11.50 37.75 -0.01
N PRO B 44 11.22 37.20 1.17
CA PRO B 44 10.55 35.89 1.24
C PRO B 44 9.09 36.00 0.85
N VAL B 45 8.49 34.85 0.59
CA VAL B 45 7.08 34.78 0.22
C VAL B 45 6.18 34.46 1.41
N GLY B 46 6.73 33.89 2.48
CA GLY B 46 5.93 33.52 3.64
C GLY B 46 5.24 32.18 3.46
N ARG B 47 4.60 31.74 4.54
CA ARG B 47 3.93 30.45 4.53
C ARG B 47 2.76 30.46 3.55
N ILE B 48 2.69 29.41 2.72
CA ILE B 48 1.64 29.25 1.74
C ILE B 48 0.82 28.02 2.11
N GLN B 49 -0.50 28.20 2.25
CA GLN B 49 -1.39 27.14 2.62
C GLN B 49 -2.38 26.87 1.50
N MET B 50 -2.77 25.60 1.35
CA MET B 50 -3.72 25.20 0.33
C MET B 50 -4.75 24.26 0.94
N ARG B 51 -5.92 24.22 0.30
CA ARG B 51 -7.04 23.42 0.77
C ARG B 51 -7.58 22.59 -0.38
N THR B 52 -8.01 21.36 -0.07
CA THR B 52 -8.48 20.42 -1.07
C THR B 52 -9.86 20.86 -1.55
N ARG B 53 -9.91 21.44 -2.76
CA ARG B 53 -11.19 21.87 -3.32
C ARG B 53 -12.01 20.69 -3.84
N ARG B 54 -11.38 19.77 -4.57
CA ARG B 54 -12.05 18.60 -5.11
C ARG B 54 -11.30 17.34 -4.70
N THR B 55 -12.03 16.23 -4.70
CA THR B 55 -11.45 14.92 -4.44
C THR B 55 -12.13 13.94 -5.38
N LEU B 56 -11.42 13.48 -6.39
CA LEU B 56 -11.96 12.59 -7.40
C LEU B 56 -11.82 11.16 -6.92
N ARG B 57 -12.90 10.38 -7.04
CA ARG B 57 -12.92 9.00 -6.60
C ARG B 57 -13.48 8.12 -7.69
N GLY B 58 -13.03 6.87 -7.71
CA GLY B 58 -13.46 5.92 -8.72
C GLY B 58 -12.37 4.95 -9.14
N HIS B 59 -11.11 5.30 -8.92
CA HIS B 59 -10.02 4.38 -9.19
C HIS B 59 -9.92 3.36 -8.07
N LEU B 60 -9.74 2.09 -8.45
CA LEU B 60 -9.68 1.03 -7.44
C LEU B 60 -8.27 0.90 -6.86
N ALA B 61 -7.29 0.56 -7.69
CA ALA B 61 -5.93 0.34 -7.23
C ALA B 61 -5.18 1.67 -7.21
N LYS B 62 -3.87 1.61 -6.99
CA LYS B 62 -3.06 2.82 -6.87
C LYS B 62 -3.00 3.57 -8.20
N ILE B 63 -2.35 4.73 -8.16
CA ILE B 63 -2.27 5.63 -9.31
C ILE B 63 -0.81 6.03 -9.48
N TYR B 64 -0.22 5.70 -10.64
CA TYR B 64 1.10 6.21 -10.98
C TYR B 64 1.07 7.41 -11.90
N ALA B 65 0.02 7.61 -12.68
CA ALA B 65 0.08 8.58 -13.75
C ALA B 65 -1.11 9.52 -13.70
N MET B 66 -0.85 10.78 -13.97
CA MET B 66 -1.84 11.84 -13.94
C MET B 66 -1.31 12.97 -14.79
N HIS B 67 -2.05 13.36 -15.83
CA HIS B 67 -1.60 14.42 -16.72
C HIS B 67 -2.74 15.39 -16.97
N TRP B 68 -2.44 16.68 -16.87
CA TRP B 68 -3.41 17.72 -17.16
C TRP B 68 -3.50 17.97 -18.65
N GLY B 69 -4.64 18.52 -19.08
CA GLY B 69 -4.82 18.95 -20.44
C GLY B 69 -4.33 20.37 -20.67
N THR B 70 -4.38 20.79 -21.92
CA THR B 70 -3.96 22.15 -22.27
C THR B 70 -5.04 23.18 -21.97
N ASP B 71 -6.27 22.75 -21.69
CA ASP B 71 -7.33 23.66 -21.28
C ASP B 71 -7.46 23.78 -19.77
N SER B 72 -6.63 23.06 -19.01
CA SER B 72 -6.65 23.07 -17.56
C SER B 72 -7.98 22.65 -16.98
N ARG B 73 -8.77 21.91 -17.75
CA ARG B 73 -10.09 21.46 -17.31
C ARG B 73 -10.23 19.95 -17.28
N LEU B 74 -9.60 19.25 -18.20
CA LEU B 74 -9.62 17.79 -18.23
C LEU B 74 -8.25 17.26 -17.82
N LEU B 75 -8.24 16.23 -16.98
CA LEU B 75 -7.01 15.53 -16.67
C LEU B 75 -7.25 14.03 -16.82
N VAL B 76 -6.26 13.35 -17.39
CA VAL B 76 -6.31 11.91 -17.52
C VAL B 76 -5.53 11.31 -16.36
N SER B 77 -6.05 10.21 -15.83
CA SER B 77 -5.40 9.54 -14.71
C SER B 77 -5.41 8.04 -14.96
N ALA B 78 -4.26 7.42 -14.75
CA ALA B 78 -4.09 5.99 -14.96
C ALA B 78 -4.04 5.27 -13.63
N SER B 79 -4.67 4.10 -13.57
CA SER B 79 -4.70 3.32 -12.35
C SER B 79 -4.13 1.94 -12.60
N GLN B 80 -3.50 1.38 -11.58
CA GLN B 80 -2.79 0.12 -11.68
C GLN B 80 -3.72 -1.07 -11.77
N ASP B 81 -5.03 -0.86 -11.87
CA ASP B 81 -5.97 -1.94 -12.16
C ASP B 81 -6.26 -2.07 -13.65
N GLY B 82 -5.67 -1.23 -14.48
CA GLY B 82 -5.91 -1.27 -15.91
C GLY B 82 -7.04 -0.36 -16.34
N LYS B 83 -6.96 0.92 -15.99
CA LYS B 83 -8.03 1.86 -16.29
C LYS B 83 -7.47 3.26 -16.46
N LEU B 84 -7.83 3.91 -17.56
CA LEU B 84 -7.65 5.34 -17.73
C LEU B 84 -8.98 6.03 -17.49
N ILE B 85 -8.95 7.16 -16.82
CA ILE B 85 -10.16 7.94 -16.59
C ILE B 85 -9.85 9.40 -16.92
N ILE B 86 -10.69 10.00 -17.75
CA ILE B 86 -10.62 11.43 -18.03
C ILE B 86 -11.64 12.13 -17.15
N TRP B 87 -11.16 13.02 -16.28
CA TRP B 87 -12.00 13.73 -15.35
C TRP B 87 -12.35 15.11 -15.88
N ASP B 88 -13.34 15.71 -15.26
CA ASP B 88 -13.58 17.15 -15.37
C ASP B 88 -13.28 17.72 -14.00
N SER B 89 -12.15 18.42 -13.88
CA SER B 89 -11.75 18.94 -12.58
C SER B 89 -12.74 19.96 -12.04
N TYR B 90 -13.54 20.57 -12.91
CA TYR B 90 -14.53 21.55 -12.46
C TYR B 90 -15.72 20.86 -11.79
N THR B 91 -16.20 19.76 -12.38
CA THR B 91 -17.45 19.15 -11.96
C THR B 91 -17.29 17.73 -11.42
N THR B 92 -16.07 17.21 -11.33
CA THR B 92 -15.81 15.84 -10.85
C THR B 92 -16.64 14.84 -11.65
N ASN B 93 -16.66 15.02 -12.97
CA ASN B 93 -17.46 14.22 -13.87
C ASN B 93 -16.54 13.39 -14.76
N LYS B 94 -16.77 12.08 -14.78
CA LYS B 94 -15.94 11.18 -15.58
C LYS B 94 -16.38 11.25 -17.03
N VAL B 95 -15.59 11.96 -17.85
CA VAL B 95 -15.90 12.06 -19.27
C VAL B 95 -15.71 10.71 -19.96
N HIS B 96 -14.58 10.06 -19.73
CA HIS B 96 -14.27 8.77 -20.35
C HIS B 96 -13.66 7.84 -19.32
N ALA B 97 -13.91 6.55 -19.51
CA ALA B 97 -13.27 5.49 -18.73
C ALA B 97 -12.88 4.39 -19.70
N ILE B 98 -11.58 4.26 -19.95
CA ILE B 98 -11.02 3.39 -20.98
C ILE B 98 -10.34 2.20 -20.29
N PRO B 99 -10.79 0.98 -20.52
CA PRO B 99 -10.03 -0.17 -20.04
C PRO B 99 -8.76 -0.39 -20.84
N LEU B 100 -7.77 -0.99 -20.20
CA LEU B 100 -6.47 -1.24 -20.81
C LEU B 100 -6.27 -2.73 -21.03
N ARG B 101 -5.58 -3.06 -22.12
CA ARG B 101 -5.21 -4.45 -22.34
C ARG B 101 -4.24 -4.95 -21.27
N SER B 102 -3.27 -4.10 -20.90
CA SER B 102 -2.30 -4.42 -19.87
C SER B 102 -2.68 -3.71 -18.59
N SER B 103 -2.78 -4.47 -17.50
CA SER B 103 -3.21 -3.93 -16.22
C SER B 103 -2.07 -3.32 -15.42
N TRP B 104 -0.86 -3.28 -15.96
CA TRP B 104 0.28 -2.68 -15.29
C TRP B 104 0.72 -1.47 -16.09
N VAL B 105 0.12 -0.33 -15.78
CA VAL B 105 0.39 0.93 -16.47
C VAL B 105 1.17 1.84 -15.53
N MET B 106 2.31 2.34 -15.98
CA MET B 106 3.19 3.16 -15.18
C MET B 106 3.23 4.61 -15.62
N THR B 107 2.53 4.96 -16.71
CA THR B 107 2.58 6.32 -17.21
C THR B 107 1.36 6.59 -18.07
N CYS B 108 1.09 7.86 -18.29
CA CYS B 108 0.04 8.30 -19.19
C CYS B 108 0.39 9.71 -19.67
N ALA B 109 -0.24 10.10 -20.77
CA ALA B 109 0.03 11.40 -21.37
C ALA B 109 -1.27 12.01 -21.87
N TYR B 110 -1.16 13.18 -22.48
CA TYR B 110 -2.31 13.88 -23.01
C TYR B 110 -1.82 14.75 -24.16
N ALA B 111 -2.33 14.50 -25.36
CA ALA B 111 -1.85 15.22 -26.53
C ALA B 111 -2.14 16.71 -26.37
N PRO B 112 -1.23 17.56 -26.84
CA PRO B 112 -1.49 19.01 -26.75
C PRO B 112 -2.74 19.44 -27.47
N SER B 113 -3.09 18.76 -28.57
CA SER B 113 -4.35 19.04 -29.24
C SER B 113 -5.55 18.52 -28.46
N GLY B 114 -5.32 17.62 -27.50
CA GLY B 114 -6.40 17.01 -26.76
C GLY B 114 -7.10 15.86 -27.45
N ASN B 115 -6.67 15.51 -28.67
CA ASN B 115 -7.31 14.44 -29.40
C ASN B 115 -6.94 13.06 -28.85
N TYR B 116 -5.68 12.86 -28.48
CA TYR B 116 -5.15 11.56 -28.13
C TYR B 116 -4.70 11.52 -26.69
N VAL B 117 -4.72 10.31 -26.12
CA VAL B 117 -4.01 10.00 -24.88
C VAL B 117 -3.10 8.81 -25.15
N ALA B 118 -2.17 8.58 -24.24
CA ALA B 118 -1.26 7.46 -24.35
C ALA B 118 -1.16 6.78 -23.00
N CYS B 119 -0.73 5.52 -23.03
CA CYS B 119 -0.44 4.78 -21.81
C CYS B 119 0.83 3.98 -22.02
N GLY B 120 1.11 3.06 -21.14
CA GLY B 120 2.29 2.22 -21.26
C GLY B 120 2.78 1.81 -19.89
N GLY B 121 3.55 0.73 -19.86
CA GLY B 121 4.08 0.24 -18.61
C GLY B 121 4.83 -1.07 -18.74
N LEU B 122 4.53 -2.02 -17.85
CA LEU B 122 5.32 -3.23 -17.72
C LEU B 122 5.23 -4.15 -18.94
N ASP B 123 4.33 -3.90 -19.87
CA ASP B 123 4.24 -4.71 -21.07
C ASP B 123 5.11 -4.19 -22.20
N ASN B 124 5.91 -3.16 -21.95
CA ASN B 124 6.88 -2.62 -22.89
C ASN B 124 6.24 -2.00 -24.13
N ILE B 125 4.94 -1.73 -24.08
CA ILE B 125 4.19 -1.24 -25.23
C ILE B 125 3.51 0.07 -24.85
N CYS B 126 3.58 1.05 -25.75
CA CYS B 126 2.86 2.30 -25.59
C CYS B 126 1.64 2.29 -26.50
N SER B 127 0.46 2.33 -25.91
CA SER B 127 -0.79 2.32 -26.66
C SER B 127 -1.35 3.73 -26.71
N ILE B 128 -1.76 4.17 -27.90
CA ILE B 128 -2.32 5.51 -28.10
C ILE B 128 -3.81 5.35 -28.39
N TYR B 129 -4.63 6.10 -27.65
CA TYR B 129 -6.07 6.06 -27.76
C TYR B 129 -6.58 7.38 -28.30
N ASN B 130 -7.38 7.31 -29.37
CA ASN B 130 -7.99 8.48 -29.96
C ASN B 130 -9.36 8.70 -29.32
N LEU B 131 -9.55 9.85 -28.70
CA LEU B 131 -10.79 10.14 -27.98
C LEU B 131 -11.86 10.75 -28.87
N LYS B 132 -11.54 11.09 -30.12
CA LYS B 132 -12.45 11.79 -31.01
C LYS B 132 -12.81 10.94 -32.22
N THR B 133 -13.11 9.66 -31.98
CA THR B 133 -13.49 8.76 -33.07
C THR B 133 -14.80 9.20 -33.70
N ARG B 134 -14.94 8.91 -35.00
CA ARG B 134 -16.16 9.27 -35.71
C ARG B 134 -17.38 8.54 -35.16
N GLU B 135 -17.21 7.26 -34.80
CA GLU B 135 -18.31 6.51 -34.20
C GLU B 135 -18.72 7.12 -32.86
N GLY B 136 -17.74 7.51 -32.03
CA GLY B 136 -18.03 8.08 -30.73
C GLY B 136 -17.50 7.26 -29.55
N ASN B 137 -16.86 6.12 -29.78
CA ASN B 137 -16.27 5.33 -28.72
C ASN B 137 -14.76 5.60 -28.66
N VAL B 138 -14.07 4.84 -27.81
CA VAL B 138 -12.62 4.98 -27.64
C VAL B 138 -11.98 3.64 -27.98
N ARG B 139 -11.06 3.65 -28.94
CA ARG B 139 -10.34 2.46 -29.35
C ARG B 139 -8.90 2.81 -29.63
N VAL B 140 -8.03 1.81 -29.49
CA VAL B 140 -6.60 2.01 -29.71
C VAL B 140 -6.36 2.37 -31.16
N SER B 141 -5.88 3.59 -31.40
CA SER B 141 -5.47 3.95 -32.76
C SER B 141 -4.30 3.08 -33.19
N ARG B 142 -3.31 2.91 -32.32
CA ARG B 142 -2.19 2.01 -32.59
C ARG B 142 -1.34 1.86 -31.34
N GLU B 143 -0.53 0.80 -31.35
CA GLU B 143 0.45 0.52 -30.31
C GLU B 143 1.85 0.60 -30.91
N LEU B 144 2.82 0.95 -30.06
CA LEU B 144 4.20 1.18 -30.49
C LEU B 144 5.09 0.13 -29.84
N ALA B 145 5.23 -1.01 -30.51
CA ALA B 145 6.08 -2.09 -30.02
C ALA B 145 7.51 -1.91 -30.52
N GLY B 146 8.46 -2.40 -29.75
CA GLY B 146 9.85 -2.32 -30.12
C GLY B 146 10.79 -2.07 -28.95
N HIS B 147 10.26 -1.54 -27.85
CA HIS B 147 11.06 -1.34 -26.65
C HIS B 147 11.34 -2.69 -25.98
N THR B 148 12.50 -2.77 -25.32
CA THR B 148 12.93 -3.99 -24.64
C THR B 148 12.93 -3.82 -23.12
N GLY B 149 12.15 -2.88 -22.61
CA GLY B 149 12.05 -2.69 -21.17
C GLY B 149 10.80 -1.91 -20.85
N TYR B 150 10.39 -1.99 -19.59
CA TYR B 150 9.15 -1.35 -19.17
C TYR B 150 9.21 0.14 -19.49
N LEU B 151 8.14 0.65 -20.08
CA LEU B 151 8.08 2.04 -20.51
C LEU B 151 7.71 2.89 -19.31
N SER B 152 8.66 3.73 -18.86
CA SER B 152 8.48 4.47 -17.62
C SER B 152 7.90 5.86 -17.81
N CYS B 153 7.99 6.42 -19.01
CA CYS B 153 7.40 7.73 -19.28
C CYS B 153 7.19 7.88 -20.77
N CYS B 154 6.32 8.83 -21.13
CA CYS B 154 6.03 9.12 -22.53
C CYS B 154 5.33 10.46 -22.60
N ARG B 155 5.81 11.35 -23.47
CA ARG B 155 5.26 12.69 -23.56
C ARG B 155 5.12 13.08 -25.02
N PHE B 156 3.91 13.51 -25.39
CA PHE B 156 3.66 13.94 -26.77
C PHE B 156 4.41 15.22 -27.08
N LEU B 157 5.05 15.25 -28.25
CA LEU B 157 5.54 16.52 -28.79
C LEU B 157 4.47 17.23 -29.59
N ASP B 158 3.73 16.50 -30.42
CA ASP B 158 2.59 17.01 -31.16
C ASP B 158 1.61 15.86 -31.34
N ASP B 159 0.68 16.00 -32.27
CA ASP B 159 -0.28 14.93 -32.52
C ASP B 159 0.38 13.67 -33.05
N ASN B 160 1.59 13.77 -33.61
CA ASN B 160 2.17 12.66 -34.35
C ASN B 160 3.54 12.22 -33.88
N GLN B 161 4.27 13.04 -33.12
CA GLN B 161 5.55 12.65 -32.56
C GLN B 161 5.38 12.38 -31.07
N ILE B 162 5.85 11.22 -30.62
CA ILE B 162 5.78 10.87 -29.21
C ILE B 162 7.12 10.29 -28.78
N VAL B 163 7.66 10.79 -27.67
CA VAL B 163 8.94 10.34 -27.16
C VAL B 163 8.68 9.50 -25.91
N THR B 164 9.26 8.30 -25.88
CA THR B 164 9.06 7.35 -24.80
C THR B 164 10.40 6.97 -24.20
N SER B 165 10.49 7.04 -22.88
CA SER B 165 11.66 6.55 -22.16
C SER B 165 11.32 5.20 -21.54
N SER B 166 12.22 4.25 -21.72
CA SER B 166 11.98 2.89 -21.25
C SER B 166 13.03 2.49 -20.23
N GLY B 167 12.81 1.33 -19.62
CA GLY B 167 13.72 0.76 -18.67
C GLY B 167 14.93 0.07 -19.24
N ASP B 168 15.03 -0.02 -20.58
CA ASP B 168 16.19 -0.58 -21.24
C ASP B 168 17.28 0.46 -21.48
N THR B 169 17.28 1.55 -20.70
CA THR B 169 18.30 2.59 -20.64
C THR B 169 18.32 3.49 -21.87
N THR B 170 17.35 3.36 -22.78
CA THR B 170 17.33 4.15 -24.00
C THR B 170 15.98 4.82 -24.17
N CYS B 171 15.99 6.07 -24.62
CA CYS B 171 14.78 6.76 -25.02
C CYS B 171 14.59 6.65 -26.52
N ALA B 172 13.37 6.87 -26.97
CA ALA B 172 13.07 6.76 -28.40
C ALA B 172 12.05 7.83 -28.79
N LEU B 173 12.13 8.26 -30.05
CA LEU B 173 11.17 9.16 -30.65
C LEU B 173 10.47 8.43 -31.77
N TRP B 174 9.15 8.34 -31.69
CA TRP B 174 8.31 7.63 -32.64
C TRP B 174 7.41 8.60 -33.38
N ASP B 175 7.13 8.25 -34.63
CA ASP B 175 6.10 8.91 -35.43
C ASP B 175 4.88 8.00 -35.49
N ILE B 176 3.70 8.56 -35.19
CA ILE B 176 2.50 7.74 -35.05
C ILE B 176 2.13 7.10 -36.39
N GLU B 177 2.04 7.90 -37.45
CA GLU B 177 1.59 7.36 -38.74
C GLU B 177 2.50 6.23 -39.21
N THR B 178 3.82 6.47 -39.18
CA THR B 178 4.75 5.42 -39.58
C THR B 178 4.68 4.23 -38.63
N GLY B 179 4.58 4.49 -37.33
CA GLY B 179 4.55 3.43 -36.35
C GLY B 179 5.88 2.79 -36.07
N GLN B 180 6.98 3.38 -36.54
CA GLN B 180 8.32 2.84 -36.34
C GLN B 180 9.22 3.91 -35.75
N GLN B 181 10.25 3.47 -35.04
CA GLN B 181 11.16 4.37 -34.35
C GLN B 181 11.83 5.35 -35.30
N THR B 182 11.51 6.63 -35.17
CA THR B 182 12.21 7.64 -35.96
C THR B 182 13.61 7.88 -35.42
N THR B 183 13.77 7.91 -34.09
CA THR B 183 15.07 8.21 -33.51
C THR B 183 15.21 7.42 -32.21
N THR B 184 16.46 7.15 -31.82
CA THR B 184 16.75 6.49 -30.56
C THR B 184 17.92 7.18 -29.88
N PHE B 185 17.69 7.67 -28.66
CA PHE B 185 18.72 8.32 -27.86
C PHE B 185 19.24 7.33 -26.83
N THR B 186 20.51 6.98 -26.92
CA THR B 186 21.16 6.05 -26.00
C THR B 186 22.34 6.73 -25.34
N GLY B 187 22.77 6.17 -24.22
CA GLY B 187 23.88 6.72 -23.47
C GLY B 187 23.71 6.62 -21.98
N HIS B 188 22.46 6.56 -21.52
CA HIS B 188 22.20 6.33 -20.11
C HIS B 188 22.61 4.92 -19.72
N THR B 189 23.29 4.80 -18.59
CA THR B 189 23.70 3.48 -18.11
C THR B 189 22.61 2.79 -17.31
N GLY B 190 21.87 3.54 -16.49
CA GLY B 190 20.70 3.01 -15.81
C GLY B 190 19.43 3.28 -16.57
N ASP B 191 18.34 2.67 -16.11
CA ASP B 191 17.06 2.87 -16.76
C ASP B 191 16.54 4.28 -16.51
N VAL B 192 15.94 4.86 -17.55
CA VAL B 192 15.44 6.23 -17.50
C VAL B 192 14.10 6.24 -16.76
N MET B 193 13.95 7.18 -15.83
CA MET B 193 12.76 7.26 -15.00
C MET B 193 11.75 8.30 -15.48
N SER B 194 12.20 9.53 -15.74
CA SER B 194 11.27 10.59 -16.09
C SER B 194 11.97 11.59 -17.00
N LEU B 195 11.35 11.89 -18.13
CA LEU B 195 11.83 12.90 -19.06
C LEU B 195 10.82 14.02 -19.16
N SER B 196 11.30 15.25 -19.18
CA SER B 196 10.46 16.43 -19.26
C SER B 196 10.75 17.15 -20.56
N LEU B 197 9.69 17.40 -21.34
CA LEU B 197 9.86 18.12 -22.59
C LEU B 197 10.06 19.60 -22.34
N ALA B 198 10.73 20.27 -23.27
CA ALA B 198 10.98 21.68 -23.14
C ALA B 198 9.69 22.47 -23.34
N PRO B 199 9.61 23.68 -22.80
CA PRO B 199 8.43 24.52 -23.08
C PRO B 199 8.20 24.76 -24.55
N ASP B 200 9.27 24.86 -25.34
CA ASP B 200 9.17 24.98 -26.79
C ASP B 200 9.31 23.64 -27.51
N THR B 201 9.48 22.55 -26.76
CA THR B 201 9.53 21.19 -27.30
C THR B 201 10.59 21.05 -28.40
N ARG B 202 11.74 21.68 -28.19
CA ARG B 202 12.88 21.50 -29.07
C ARG B 202 13.99 20.68 -28.44
N LEU B 203 14.09 20.68 -27.11
CA LEU B 203 15.03 19.86 -26.37
C LEU B 203 14.24 19.08 -25.32
N PHE B 204 14.95 18.24 -24.56
CA PHE B 204 14.35 17.66 -23.37
C PHE B 204 15.46 17.12 -22.48
N VAL B 205 15.07 16.66 -21.30
CA VAL B 205 16.00 16.19 -20.29
C VAL B 205 15.56 14.81 -19.82
N SER B 206 16.51 13.90 -19.68
CA SER B 206 16.23 12.55 -19.23
C SER B 206 17.05 12.26 -17.99
N GLY B 207 16.37 11.89 -16.91
CA GLY B 207 17.01 11.48 -15.67
C GLY B 207 16.92 9.97 -15.54
N ALA B 208 18.00 9.35 -15.13
CA ALA B 208 18.08 7.90 -15.07
C ALA B 208 18.47 7.47 -13.67
N CYS B 209 18.64 6.16 -13.51
CA CYS B 209 18.96 5.55 -12.22
C CYS B 209 20.46 5.46 -11.97
N ASP B 210 21.28 6.05 -12.83
CA ASP B 210 22.71 6.12 -12.60
C ASP B 210 23.12 7.37 -11.85
N ALA B 211 22.16 8.11 -11.28
CA ALA B 211 22.41 9.36 -10.58
C ALA B 211 23.06 10.39 -11.51
N SER B 212 22.47 10.57 -12.68
CA SER B 212 22.99 11.50 -13.67
C SER B 212 21.91 11.78 -14.71
N ALA B 213 21.71 13.06 -15.02
CA ALA B 213 20.74 13.47 -16.02
C ALA B 213 21.45 13.94 -17.28
N LYS B 214 20.71 13.95 -18.38
CA LYS B 214 21.26 14.32 -19.67
C LYS B 214 20.28 15.23 -20.40
N LEU B 215 20.83 16.06 -21.27
CA LEU B 215 20.05 16.94 -22.14
C LEU B 215 20.15 16.44 -23.57
N TRP B 216 19.00 16.31 -24.23
CA TRP B 216 18.93 15.80 -25.59
C TRP B 216 18.28 16.82 -26.50
N ASP B 217 18.81 16.91 -27.72
CA ASP B 217 18.16 17.65 -28.80
C ASP B 217 17.38 16.66 -29.64
N VAL B 218 16.06 16.79 -29.64
CA VAL B 218 15.21 15.79 -30.28
C VAL B 218 15.44 15.77 -31.79
N ARG B 219 15.71 16.94 -32.39
CA ARG B 219 15.99 16.97 -33.82
C ARG B 219 17.39 16.44 -34.13
N GLU B 220 18.37 16.81 -33.32
CA GLU B 220 19.75 16.38 -33.57
C GLU B 220 19.90 14.88 -33.37
N GLY B 221 19.35 14.34 -32.28
CA GLY B 221 19.34 12.92 -32.05
C GLY B 221 20.38 12.39 -31.09
N MET B 222 21.17 13.26 -30.46
CA MET B 222 22.20 12.80 -29.53
C MET B 222 22.23 13.73 -28.32
N CYS B 223 22.94 13.28 -27.28
CA CYS B 223 23.05 14.04 -26.05
C CYS B 223 23.85 15.32 -26.28
N ARG B 224 23.55 16.34 -25.48
CA ARG B 224 24.22 17.63 -25.56
C ARG B 224 25.03 17.93 -24.30
N GLN B 225 24.42 17.86 -23.13
CA GLN B 225 25.08 18.14 -21.86
C GLN B 225 24.73 17.06 -20.86
N THR B 226 25.61 16.87 -19.88
CA THR B 226 25.41 15.88 -18.83
C THR B 226 25.56 16.57 -17.48
N PHE B 227 24.59 16.32 -16.59
CA PHE B 227 24.57 16.94 -15.27
C PHE B 227 24.60 15.85 -14.20
N THR B 228 25.41 16.08 -13.17
CA THR B 228 25.53 15.12 -12.09
C THR B 228 25.39 15.83 -10.74
N GLY B 229 25.68 15.10 -9.66
CA GLY B 229 25.57 15.68 -8.33
C GLY B 229 24.72 14.84 -7.41
N HIS B 230 23.72 14.18 -7.97
CA HIS B 230 22.85 13.34 -7.16
C HIS B 230 23.58 12.08 -6.72
N GLU B 231 23.12 11.51 -5.62
CA GLU B 231 23.75 10.34 -5.02
C GLU B 231 22.96 9.05 -5.25
N SER B 232 21.81 9.12 -5.90
CA SER B 232 20.97 7.94 -6.05
C SER B 232 20.07 8.12 -7.27
N ASP B 233 19.01 7.31 -7.34
CA ASP B 233 18.16 7.29 -8.51
C ASP B 233 17.40 8.61 -8.65
N ILE B 234 17.32 9.11 -9.87
CA ILE B 234 16.54 10.31 -10.16
C ILE B 234 15.12 9.89 -10.48
N ASN B 235 14.17 10.31 -9.65
CA ASN B 235 12.78 9.89 -9.82
C ASN B 235 11.95 10.87 -10.63
N ALA B 236 12.32 12.15 -10.64
CA ALA B 236 11.49 13.16 -11.29
C ALA B 236 12.35 14.23 -11.94
N ILE B 237 11.93 14.66 -13.12
CA ILE B 237 12.53 15.78 -13.86
C ILE B 237 11.41 16.74 -14.22
N CYS B 238 11.69 18.03 -14.13
CA CYS B 238 10.72 19.04 -14.54
C CYS B 238 11.46 20.27 -15.03
N PHE B 239 11.08 20.77 -16.20
CA PHE B 239 11.67 22.01 -16.70
C PHE B 239 11.12 23.23 -15.98
N PHE B 240 11.99 24.21 -15.79
CA PHE B 240 11.56 25.52 -15.37
C PHE B 240 10.67 26.14 -16.44
N PRO B 241 9.75 27.03 -16.06
CA PRO B 241 8.84 27.60 -17.07
C PRO B 241 9.53 28.25 -18.27
N ASN B 242 10.64 28.94 -18.07
CA ASN B 242 11.32 29.55 -19.20
C ASN B 242 12.24 28.59 -19.95
N GLY B 243 12.44 27.38 -19.43
CA GLY B 243 13.18 26.35 -20.13
C GLY B 243 14.68 26.41 -19.99
N ASN B 244 15.22 27.31 -19.18
CA ASN B 244 16.66 27.40 -18.99
C ASN B 244 17.12 26.74 -17.69
N ALA B 245 16.24 26.00 -17.03
CA ALA B 245 16.61 25.30 -15.80
C ALA B 245 15.70 24.10 -15.62
N PHE B 246 16.10 23.21 -14.73
CA PHE B 246 15.24 22.09 -14.37
C PHE B 246 15.58 21.61 -12.96
N ALA B 247 14.57 21.08 -12.29
CA ALA B 247 14.72 20.55 -10.95
C ALA B 247 14.72 19.03 -10.99
N THR B 248 15.63 18.42 -10.26
CA THR B 248 15.76 16.98 -10.18
C THR B 248 15.53 16.55 -8.74
N GLY B 249 14.61 15.61 -8.55
CA GLY B 249 14.36 15.00 -7.26
C GLY B 249 14.78 13.54 -7.30
N SER B 250 15.44 13.09 -6.23
CA SER B 250 16.04 11.78 -6.23
C SER B 250 15.65 11.02 -4.96
N ASP B 251 16.23 9.82 -4.81
CA ASP B 251 15.96 8.97 -3.66
C ASP B 251 16.72 9.37 -2.41
N ASP B 252 17.73 10.23 -2.53
CA ASP B 252 18.45 10.73 -1.37
C ASP B 252 17.70 11.86 -0.66
N ALA B 253 16.41 12.04 -0.97
CA ALA B 253 15.55 13.01 -0.30
C ALA B 253 16.05 14.44 -0.48
N THR B 254 16.70 14.72 -1.61
CA THR B 254 17.15 16.07 -1.92
C THR B 254 16.69 16.44 -3.32
N CYS B 255 16.33 17.71 -3.49
CA CYS B 255 16.08 18.27 -4.81
C CYS B 255 17.22 19.19 -5.18
N ARG B 256 17.45 19.33 -6.48
CA ARG B 256 18.51 20.22 -6.96
C ARG B 256 18.02 20.95 -8.19
N LEU B 257 18.58 22.15 -8.40
CA LEU B 257 18.25 22.94 -9.58
C LEU B 257 19.49 23.06 -10.46
N PHE B 258 19.34 22.71 -11.74
CA PHE B 258 20.42 22.78 -12.70
C PHE B 258 20.07 23.78 -13.79
N ASP B 259 21.04 24.59 -14.18
CA ASP B 259 20.90 25.55 -15.27
C ASP B 259 21.67 25.03 -16.47
N LEU B 260 21.00 24.98 -17.62
CA LEU B 260 21.62 24.41 -18.81
C LEU B 260 22.83 25.21 -19.27
N ARG B 261 22.70 26.54 -19.32
CA ARG B 261 23.80 27.36 -19.83
C ARG B 261 25.00 27.32 -18.89
N ALA B 262 24.74 27.37 -17.57
CA ALA B 262 25.84 27.27 -16.62
C ALA B 262 26.39 25.85 -16.52
N ASP B 263 25.56 24.85 -16.86
CA ASP B 263 25.96 23.45 -16.82
C ASP B 263 26.48 23.06 -15.44
N GLN B 264 25.82 23.55 -14.40
CA GLN B 264 26.25 23.27 -13.04
C GLN B 264 25.06 23.43 -12.10
N GLU B 265 25.12 22.71 -10.99
CA GLU B 265 24.09 22.81 -9.97
C GLU B 265 24.09 24.20 -9.34
N LEU B 266 22.89 24.73 -9.09
CA LEU B 266 22.75 26.06 -8.54
C LEU B 266 22.28 26.05 -7.09
N MET B 267 21.14 25.44 -6.79
CA MET B 267 20.63 25.45 -5.44
C MET B 267 20.10 24.06 -5.07
N THR B 268 20.35 23.66 -3.83
CA THR B 268 19.97 22.35 -3.32
C THR B 268 18.87 22.52 -2.28
N TYR B 269 17.69 22.00 -2.58
CA TYR B 269 16.56 22.03 -1.66
C TYR B 269 16.60 20.75 -0.84
N SER B 270 17.04 20.86 0.42
CA SER B 270 17.20 19.71 1.28
C SER B 270 16.92 20.13 2.72
N HIS B 271 16.64 19.13 3.55
CA HIS B 271 16.38 19.36 4.97
C HIS B 271 16.72 18.09 5.73
N ASP B 272 17.33 18.25 6.90
CA ASP B 272 17.75 17.09 7.69
C ASP B 272 16.55 16.26 8.14
N ASN B 273 15.38 16.89 8.29
CA ASN B 273 14.19 16.14 8.65
C ASN B 273 13.77 15.17 7.55
N ILE B 274 13.89 15.60 6.28
CA ILE B 274 13.46 14.78 5.16
C ILE B 274 14.34 13.55 5.07
N ILE B 275 13.73 12.37 5.06
CA ILE B 275 14.44 11.10 5.02
C ILE B 275 14.11 10.30 3.76
N CYS B 276 12.85 10.29 3.36
CA CYS B 276 12.42 9.55 2.19
C CYS B 276 12.58 10.40 0.94
N GLY B 277 12.85 9.74 -0.19
CA GLY B 277 13.15 10.45 -1.40
C GLY B 277 11.93 11.03 -2.09
N ILE B 278 12.19 11.94 -3.02
CA ILE B 278 11.15 12.58 -3.83
C ILE B 278 10.66 11.61 -4.88
N THR B 279 9.36 11.65 -5.16
CA THR B 279 8.77 10.81 -6.18
C THR B 279 8.17 11.59 -7.35
N SER B 280 8.01 12.90 -7.22
CA SER B 280 7.51 13.74 -8.31
C SER B 280 7.85 15.19 -7.99
N VAL B 281 8.17 15.96 -9.01
CA VAL B 281 8.35 17.40 -8.85
C VAL B 281 7.56 18.12 -9.93
N SER B 282 7.26 19.39 -9.67
CA SER B 282 6.59 20.24 -10.63
C SER B 282 6.88 21.68 -10.25
N PHE B 283 6.75 22.57 -11.23
CA PHE B 283 6.98 23.99 -11.00
C PHE B 283 5.68 24.77 -11.19
N SER B 284 5.59 25.89 -10.50
CA SER B 284 4.46 26.78 -10.67
C SER B 284 4.54 27.49 -12.03
N LYS B 285 3.43 28.11 -12.40
CA LYS B 285 3.35 28.74 -13.72
C LYS B 285 4.34 29.90 -13.84
N SER B 286 4.66 30.55 -12.72
CA SER B 286 5.67 31.61 -12.72
C SER B 286 7.06 31.12 -12.35
N GLY B 287 7.20 29.84 -11.99
CA GLY B 287 8.48 29.30 -11.60
C GLY B 287 8.93 29.67 -10.20
N ARG B 288 8.15 30.47 -9.47
CA ARG B 288 8.52 30.87 -8.13
C ARG B 288 8.24 29.80 -7.08
N LEU B 289 7.46 28.76 -7.43
CA LEU B 289 7.03 27.78 -6.45
C LEU B 289 7.29 26.39 -7.00
N LEU B 290 8.07 25.59 -6.27
CA LEU B 290 8.42 24.24 -6.64
C LEU B 290 7.67 23.26 -5.74
N LEU B 291 6.76 22.49 -6.32
CA LEU B 291 6.03 21.47 -5.58
C LEU B 291 6.73 20.13 -5.73
N ALA B 292 6.72 19.34 -4.66
CA ALA B 292 7.46 18.09 -4.64
C ALA B 292 6.76 17.05 -3.78
N GLY B 293 6.36 15.94 -4.38
CA GLY B 293 5.82 14.84 -3.61
C GLY B 293 6.91 13.98 -2.99
N TYR B 294 6.55 13.26 -1.93
CA TYR B 294 7.51 12.47 -1.17
C TYR B 294 6.90 11.12 -0.82
N ASP B 295 7.70 10.27 -0.19
CA ASP B 295 7.24 9.01 0.36
C ASP B 295 6.69 9.14 1.78
N ASP B 296 6.84 10.32 2.40
CA ASP B 296 6.26 10.60 3.70
C ASP B 296 4.76 10.85 3.64
N PHE B 297 4.12 10.50 2.52
CA PHE B 297 2.68 10.52 2.33
C PHE B 297 2.13 11.93 2.15
N ASN B 298 2.99 12.93 2.09
CA ASN B 298 2.55 14.31 1.93
C ASN B 298 3.48 15.03 0.97
N CYS B 299 2.93 15.99 0.23
CA CYS B 299 3.73 16.80 -0.68
C CYS B 299 4.45 17.88 0.13
N ASN B 300 5.16 18.75 -0.57
CA ASN B 300 5.81 19.91 0.04
C ASN B 300 5.93 20.99 -1.01
N VAL B 301 6.10 22.21 -0.54
CA VAL B 301 6.19 23.39 -1.40
C VAL B 301 7.44 24.16 -1.01
N TRP B 302 8.27 24.47 -2.01
CA TRP B 302 9.51 25.19 -1.81
C TRP B 302 9.47 26.48 -2.63
N ASP B 303 10.23 27.46 -2.19
CA ASP B 303 10.52 28.63 -3.01
C ASP B 303 11.85 28.44 -3.73
N ALA B 304 11.81 28.54 -5.05
CA ALA B 304 12.95 28.12 -5.86
C ALA B 304 14.19 28.99 -5.63
N LEU B 305 14.01 30.19 -5.08
CA LEU B 305 15.13 31.10 -4.85
C LEU B 305 15.63 31.04 -3.41
N LYS B 306 14.73 31.27 -2.45
CA LYS B 306 15.13 31.26 -1.04
C LYS B 306 15.42 29.85 -0.54
N ALA B 307 14.87 28.83 -1.19
CA ALA B 307 15.12 27.42 -0.84
C ALA B 307 14.73 27.12 0.60
N ASP B 308 13.53 27.56 0.99
CA ASP B 308 12.96 27.25 2.29
C ASP B 308 11.52 26.80 2.09
N ARG B 309 11.13 25.74 2.78
CA ARG B 309 9.79 25.21 2.64
C ARG B 309 8.76 26.26 3.01
N ALA B 310 7.81 26.49 2.10
CA ALA B 310 6.78 27.51 2.29
C ALA B 310 5.37 26.91 2.30
N GLY B 311 5.26 25.60 2.47
CA GLY B 311 3.96 24.96 2.51
C GLY B 311 4.03 23.45 2.56
N VAL B 312 2.96 22.82 3.01
CA VAL B 312 2.87 21.36 3.07
C VAL B 312 1.48 20.96 2.61
N LEU B 313 1.39 19.91 1.80
CA LEU B 313 0.12 19.40 1.30
C LEU B 313 -0.10 18.02 1.88
N ALA B 314 -0.64 17.97 3.09
CA ALA B 314 -0.96 16.71 3.75
C ALA B 314 -2.42 16.35 3.52
N GLY B 315 -2.71 15.06 3.53
CA GLY B 315 -4.06 14.61 3.29
C GLY B 315 -4.13 13.31 2.52
N HIS B 316 -2.97 12.85 2.04
CA HIS B 316 -2.85 11.56 1.39
C HIS B 316 -2.38 10.54 2.41
N ASP B 317 -3.11 9.43 2.54
CA ASP B 317 -2.75 8.38 3.49
C ASP B 317 -2.02 7.22 2.82
N ASN B 318 -1.28 7.51 1.75
CA ASN B 318 -0.36 6.57 1.14
C ASN B 318 0.66 7.37 0.35
N ARG B 319 1.50 6.68 -0.42
CA ARG B 319 2.55 7.33 -1.16
C ARG B 319 1.98 8.28 -2.21
N VAL B 320 2.60 9.44 -2.36
CA VAL B 320 2.23 10.40 -3.39
C VAL B 320 3.06 10.07 -4.64
N SER B 321 2.38 9.68 -5.71
CA SER B 321 3.05 9.18 -6.90
C SER B 321 3.04 10.17 -8.06
N CYS B 322 2.01 10.99 -8.19
CA CYS B 322 1.89 11.90 -9.31
C CYS B 322 1.41 13.26 -8.84
N LEU B 323 2.05 14.31 -9.37
CA LEU B 323 1.83 15.68 -8.96
C LEU B 323 1.88 16.56 -10.20
N GLY B 324 0.83 17.35 -10.43
CA GLY B 324 0.76 18.13 -11.65
C GLY B 324 0.11 19.49 -11.50
N VAL B 325 0.80 20.53 -11.94
CA VAL B 325 0.29 21.89 -11.94
C VAL B 325 -0.26 22.20 -13.32
N THR B 326 -1.36 22.95 -13.37
CA THR B 326 -1.98 23.28 -14.64
C THR B 326 -1.10 24.22 -15.47
N ASP B 327 -1.44 24.32 -16.75
CA ASP B 327 -0.66 25.15 -17.66
C ASP B 327 -0.71 26.61 -17.26
N ASP B 328 -1.88 27.09 -16.82
CA ASP B 328 -2.03 28.45 -16.33
C ASP B 328 -1.80 28.56 -14.83
N GLY B 329 -1.50 27.46 -14.16
CA GLY B 329 -1.07 27.50 -12.78
C GLY B 329 -2.15 27.82 -11.77
N MET B 330 -3.39 27.42 -12.03
CA MET B 330 -4.45 27.65 -11.05
C MET B 330 -4.47 26.56 -9.98
N ALA B 331 -4.73 25.32 -10.39
CA ALA B 331 -4.88 24.22 -9.46
C ALA B 331 -3.67 23.30 -9.52
N VAL B 332 -3.48 22.53 -8.46
CA VAL B 332 -2.45 21.50 -8.42
C VAL B 332 -3.09 20.19 -8.03
N ALA B 333 -3.04 19.20 -8.92
CA ALA B 333 -3.60 17.90 -8.62
C ALA B 333 -2.52 16.98 -8.11
N THR B 334 -2.87 16.13 -7.16
CA THR B 334 -1.97 15.11 -6.63
C THR B 334 -2.73 13.80 -6.53
N GLY B 335 -2.27 12.80 -7.24
CA GLY B 335 -2.79 11.46 -7.08
C GLY B 335 -1.92 10.69 -6.12
N SER B 336 -2.49 9.66 -5.50
CA SER B 336 -1.72 8.90 -4.54
C SER B 336 -2.01 7.42 -4.68
N TRP B 337 -1.21 6.62 -3.95
CA TRP B 337 -1.35 5.18 -3.98
C TRP B 337 -2.60 4.70 -3.28
N ASP B 338 -3.31 5.56 -2.58
CA ASP B 338 -4.59 5.25 -1.96
C ASP B 338 -5.76 5.32 -2.95
N SER B 339 -5.47 5.53 -4.23
CA SER B 339 -6.47 5.60 -5.30
C SER B 339 -7.34 6.85 -5.18
N PHE B 340 -6.72 7.98 -4.86
CA PHE B 340 -7.42 9.25 -4.78
C PHE B 340 -6.63 10.33 -5.50
N LEU B 341 -7.34 11.23 -6.17
CA LEU B 341 -6.79 12.46 -6.71
C LEU B 341 -7.36 13.62 -5.93
N LYS B 342 -6.50 14.56 -5.53
CA LYS B 342 -6.91 15.75 -4.80
C LYS B 342 -6.47 16.99 -5.55
N ILE B 343 -7.41 17.88 -5.83
CA ILE B 343 -7.11 19.16 -6.45
C ILE B 343 -6.99 20.21 -5.35
N TRP B 344 -5.88 20.93 -5.34
CA TRP B 344 -5.57 21.92 -4.32
C TRP B 344 -5.50 23.30 -4.95
N ASN B 345 -6.05 24.28 -4.24
CA ASN B 345 -6.07 25.66 -4.70
C ASN B 345 -5.98 26.61 -3.52
N ILE C 8 34.40 -1.28 -27.65
CA ILE C 8 35.33 -0.31 -28.21
C ILE C 8 34.58 0.86 -28.82
N ALA C 9 33.50 0.54 -29.55
CA ALA C 9 32.68 1.60 -30.15
C ALA C 9 32.03 2.46 -29.07
N GLN C 10 31.55 1.83 -28.00
CA GLN C 10 30.94 2.60 -26.91
C GLN C 10 31.95 3.51 -26.24
N ALA C 11 33.18 3.02 -26.04
CA ALA C 11 34.21 3.85 -25.41
C ALA C 11 34.56 5.04 -26.29
N ARG C 12 34.69 4.83 -27.60
CA ARG C 12 34.97 5.93 -28.50
C ARG C 12 33.83 6.93 -28.53
N LYS C 13 32.59 6.44 -28.52
CA LYS C 13 31.44 7.34 -28.47
C LYS C 13 31.43 8.16 -27.19
N LEU C 14 31.75 7.54 -26.06
CA LEU C 14 31.79 8.26 -24.80
C LEU C 14 32.89 9.32 -24.80
N VAL C 15 34.06 8.98 -25.35
CA VAL C 15 35.16 9.94 -25.41
C VAL C 15 34.78 11.12 -26.29
N GLU C 16 34.16 10.84 -27.45
CA GLU C 16 33.72 11.92 -28.33
C GLU C 16 32.65 12.78 -27.66
N GLN C 17 31.74 12.14 -26.92
CA GLN C 17 30.70 12.88 -26.20
C GLN C 17 31.32 13.81 -25.17
N LEU C 18 32.29 13.31 -24.41
CA LEU C 18 32.98 14.17 -23.43
C LEU C 18 33.71 15.31 -24.13
N LYS C 19 34.33 15.02 -25.27
CA LYS C 19 35.05 16.06 -26.01
C LYS C 19 34.11 17.17 -26.48
N MET C 20 32.95 16.80 -27.02
CA MET C 20 32.02 17.83 -27.47
C MET C 20 31.26 18.48 -26.32
N GLU C 21 31.22 17.83 -25.16
CA GLU C 21 30.62 18.46 -23.98
C GLU C 21 31.56 19.48 -23.35
N ALA C 22 32.87 19.25 -23.41
CA ALA C 22 33.82 20.17 -22.79
C ALA C 22 33.76 21.55 -23.44
N ASN C 23 33.65 21.60 -24.77
CA ASN C 23 33.67 22.86 -25.50
C ASN C 23 32.25 23.42 -25.65
N ILE C 24 31.74 23.96 -24.54
CA ILE C 24 30.46 24.63 -24.51
C ILE C 24 30.62 25.96 -23.78
N ASP C 25 29.71 26.88 -24.07
CA ASP C 25 29.76 28.23 -23.52
C ASP C 25 29.18 28.21 -22.11
N ARG C 26 30.05 28.22 -21.10
CA ARG C 26 29.64 28.21 -19.70
C ARG C 26 29.76 29.63 -19.16
N ILE C 27 28.63 30.28 -18.92
CA ILE C 27 28.61 31.64 -18.38
C ILE C 27 28.77 31.59 -16.87
N LYS C 28 29.03 32.74 -16.26
CA LYS C 28 29.18 32.81 -14.82
C LYS C 28 27.86 32.52 -14.12
N VAL C 29 27.96 31.95 -12.91
CA VAL C 29 26.76 31.58 -12.15
C VAL C 29 25.95 32.80 -11.77
N SER C 30 26.61 33.93 -11.52
CA SER C 30 25.90 35.15 -11.14
C SER C 30 24.95 35.59 -12.24
N LYS C 31 25.36 35.49 -13.50
CA LYS C 31 24.48 35.86 -14.61
C LYS C 31 23.24 34.98 -14.66
N ALA C 32 23.42 33.66 -14.48
CA ALA C 32 22.27 32.76 -14.50
C ALA C 32 21.33 33.04 -13.32
N ALA C 33 21.89 33.29 -12.14
CA ALA C 33 21.05 33.62 -10.99
C ALA C 33 20.29 34.91 -11.21
N ALA C 34 20.96 35.91 -11.80
CA ALA C 34 20.29 37.18 -12.09
C ALA C 34 19.17 36.99 -13.10
N ASP C 35 19.39 36.18 -14.13
CA ASP C 35 18.34 35.92 -15.11
C ASP C 35 17.16 35.20 -14.47
N LEU C 36 17.43 34.22 -13.61
CA LEU C 36 16.36 33.51 -12.92
C LEU C 36 15.55 34.45 -12.03
N MET C 37 16.24 35.30 -11.28
CA MET C 37 15.54 36.25 -10.41
C MET C 37 14.74 37.25 -11.23
N ALA C 38 15.29 37.69 -12.37
CA ALA C 38 14.55 38.60 -13.24
C ALA C 38 13.26 37.96 -13.72
N TYR C 39 13.34 36.71 -14.19
CA TYR C 39 12.13 36.02 -14.64
C TYR C 39 11.13 35.88 -13.49
N CYS C 40 11.60 35.48 -12.32
CA CYS C 40 10.70 35.26 -11.19
C CYS C 40 9.99 36.56 -10.81
N GLU C 41 10.74 37.63 -10.58
CA GLU C 41 10.16 38.88 -10.13
C GLU C 41 9.44 39.65 -11.24
N ALA C 42 9.62 39.28 -12.50
CA ALA C 42 8.88 39.92 -13.58
C ALA C 42 7.64 39.14 -14.00
N HIS C 43 7.56 37.85 -13.68
CA HIS C 43 6.40 37.07 -14.08
C HIS C 43 5.59 36.55 -12.90
N ALA C 44 6.00 36.84 -11.66
CA ALA C 44 5.24 36.39 -10.50
C ALA C 44 4.06 37.29 -10.16
N LYS C 45 3.88 38.40 -10.87
CA LYS C 45 2.75 39.30 -10.59
C LYS C 45 1.40 38.66 -10.90
N GLU C 46 1.37 37.55 -11.64
CA GLU C 46 0.12 36.90 -12.02
C GLU C 46 0.18 35.39 -11.76
N ASP C 47 0.93 34.97 -10.75
CA ASP C 47 0.99 33.57 -10.37
C ASP C 47 -0.14 33.28 -9.39
N PRO C 48 -1.15 32.48 -9.78
CA PRO C 48 -2.29 32.27 -8.88
C PRO C 48 -1.92 31.67 -7.54
N LEU C 49 -0.95 30.75 -7.50
CA LEU C 49 -0.59 30.12 -6.24
C LEU C 49 0.20 31.07 -5.34
N LEU C 50 1.12 31.83 -5.92
CA LEU C 50 1.93 32.75 -5.13
C LEU C 50 1.06 33.87 -4.54
N THR C 51 0.28 34.53 -5.38
CA THR C 51 -0.66 35.56 -4.95
C THR C 51 -2.09 35.11 -5.28
N PRO C 52 -2.85 34.63 -4.30
CA PRO C 52 -4.19 34.13 -4.60
C PRO C 52 -5.09 35.21 -5.19
N VAL C 53 -5.86 34.82 -6.20
CA VAL C 53 -6.83 35.71 -6.83
C VAL C 53 -8.08 35.75 -5.96
N PRO C 54 -8.93 36.75 -6.10
CA PRO C 54 -10.18 36.76 -5.31
C PRO C 54 -11.02 35.52 -5.58
N ALA C 55 -11.66 35.02 -4.53
CA ALA C 55 -12.37 33.75 -4.60
C ALA C 55 -13.71 33.90 -5.31
N SER C 56 -13.70 34.44 -6.52
CA SER C 56 -14.88 34.55 -7.35
C SER C 56 -14.67 33.98 -8.74
N GLU C 57 -13.49 34.15 -9.32
CA GLU C 57 -13.18 33.64 -10.65
C GLU C 57 -12.49 32.28 -10.62
N ASN C 58 -12.21 31.75 -9.44
CA ASN C 58 -11.62 30.42 -9.35
C ASN C 58 -12.66 29.38 -9.69
N PRO C 59 -12.44 28.52 -10.69
CA PRO C 59 -13.45 27.51 -11.05
C PRO C 59 -13.55 26.37 -10.07
N PHE C 60 -12.73 26.34 -9.02
CA PHE C 60 -12.74 25.27 -8.03
C PHE C 60 -13.30 25.75 -6.70
N ARG C 61 -14.34 26.59 -6.74
CA ARG C 61 -14.98 27.08 -5.52
C ARG C 61 -16.48 27.22 -5.73
N GLN D 3 29.75 13.65 -8.86
CA GLN D 3 29.55 12.30 -9.36
C GLN D 3 29.97 11.26 -8.32
N VAL D 4 29.13 10.25 -8.13
CA VAL D 4 29.44 9.18 -7.18
C VAL D 4 30.63 8.39 -7.71
N GLN D 5 31.63 8.19 -6.85
CA GLN D 5 32.83 7.47 -7.25
C GLN D 5 33.23 6.48 -6.17
N LEU D 6 33.53 5.25 -6.57
CA LEU D 6 34.06 4.21 -5.70
C LEU D 6 35.36 3.70 -6.32
N GLN D 7 36.40 3.57 -5.50
CA GLN D 7 37.68 3.09 -5.99
C GLN D 7 38.26 2.11 -4.99
N GLU D 8 38.56 0.90 -5.44
CA GLU D 8 39.11 -0.15 -4.60
C GLU D 8 40.56 -0.43 -4.97
N SER D 9 41.35 -0.79 -3.96
CA SER D 9 42.77 -1.00 -4.14
C SER D 9 43.27 -2.00 -3.11
N GLY D 10 44.46 -2.52 -3.34
CA GLY D 10 45.09 -3.45 -2.42
C GLY D 10 45.11 -4.90 -2.86
N GLY D 11 44.73 -5.21 -4.10
CA GLY D 11 44.70 -6.57 -4.58
C GLY D 11 45.89 -6.91 -5.46
N GLY D 12 46.16 -8.21 -5.56
CA GLY D 12 47.27 -8.68 -6.37
C GLY D 12 47.51 -10.16 -6.15
N LEU D 13 48.59 -10.64 -6.75
CA LEU D 13 48.96 -12.04 -6.63
C LEU D 13 49.45 -12.33 -5.21
N VAL D 14 49.09 -13.51 -4.70
CA VAL D 14 49.46 -13.92 -3.35
C VAL D 14 49.50 -15.43 -3.30
N GLN D 15 50.41 -15.96 -2.48
CA GLN D 15 50.46 -17.39 -2.26
C GLN D 15 49.29 -17.81 -1.37
N PRO D 16 48.84 -19.07 -1.47
CA PRO D 16 47.74 -19.52 -0.63
C PRO D 16 48.10 -19.45 0.85
N GLY D 17 47.11 -19.12 1.67
CA GLY D 17 47.31 -18.97 3.09
C GLY D 17 47.72 -17.58 3.55
N GLY D 18 47.87 -16.64 2.63
CA GLY D 18 48.26 -15.30 2.98
C GLY D 18 47.10 -14.46 3.46
N SER D 19 47.30 -13.14 3.45
CA SER D 19 46.29 -12.19 3.87
C SER D 19 46.30 -10.99 2.94
N LEU D 20 45.13 -10.40 2.73
CA LEU D 20 44.95 -9.23 1.90
C LEU D 20 44.22 -8.14 2.67
N ARG D 21 44.50 -6.89 2.31
CA ARG D 21 43.87 -5.72 2.91
C ARG D 21 43.37 -4.88 1.73
N LEU D 22 42.10 -5.04 1.37
CA LEU D 22 41.50 -4.27 0.29
C LEU D 22 40.75 -3.09 0.85
N SER D 23 41.03 -1.91 0.30
CA SER D 23 40.43 -0.65 0.73
C SER D 23 39.52 -0.12 -0.36
N CYS D 24 38.42 0.48 0.07
CA CYS D 24 37.38 1.03 -0.81
C CYS D 24 37.16 2.48 -0.42
N ALA D 25 37.68 3.39 -1.23
CA ALA D 25 37.50 4.82 -1.02
C ALA D 25 36.26 5.29 -1.78
N ALA D 26 35.39 6.01 -1.07
CA ALA D 26 34.11 6.46 -1.61
C ALA D 26 34.05 7.98 -1.56
N SER D 27 33.58 8.58 -2.66
CA SER D 27 33.47 10.02 -2.75
C SER D 27 32.17 10.39 -3.46
N GLY D 28 31.60 11.52 -3.06
CA GLY D 28 30.40 12.04 -3.68
C GLY D 28 29.11 11.80 -2.92
N PHE D 29 29.16 11.20 -1.74
CA PHE D 29 27.95 10.92 -0.99
C PHE D 29 28.29 10.72 0.48
N THR D 30 27.27 10.82 1.32
CA THR D 30 27.44 10.58 2.75
C THR D 30 27.62 9.09 3.01
N PHE D 31 28.77 8.71 3.54
CA PHE D 31 29.11 7.30 3.67
C PHE D 31 28.18 6.58 4.65
N SER D 32 27.76 7.27 5.71
CA SER D 32 27.05 6.60 6.79
C SER D 32 25.70 6.05 6.35
N ASN D 33 24.98 6.80 5.50
CA ASN D 33 23.60 6.49 5.20
C ASN D 33 23.42 5.17 4.47
N TYR D 34 24.45 4.65 3.82
CA TYR D 34 24.31 3.52 2.91
C TYR D 34 25.00 2.29 3.48
N LYS D 35 24.34 1.14 3.35
CA LYS D 35 25.01 -0.13 3.56
C LYS D 35 25.86 -0.45 2.35
N MET D 36 26.91 -1.23 2.56
CA MET D 36 27.84 -1.49 1.46
C MET D 36 28.20 -2.97 1.41
N ASN D 37 28.61 -3.40 0.22
CA ASN D 37 28.74 -4.80 -0.13
C ASN D 37 30.09 -5.05 -0.75
N TRP D 38 30.55 -6.30 -0.66
CA TRP D 38 31.69 -6.80 -1.41
C TRP D 38 31.20 -7.96 -2.26
N VAL D 39 31.35 -7.82 -3.59
CA VAL D 39 30.88 -8.82 -4.54
C VAL D 39 32.05 -9.23 -5.42
N ARG D 40 32.22 -10.54 -5.60
CA ARG D 40 33.34 -11.05 -6.38
C ARG D 40 32.82 -11.75 -7.62
N GLN D 41 33.64 -11.73 -8.67
CA GLN D 41 33.33 -12.39 -9.93
C GLN D 41 34.51 -13.26 -10.32
N ALA D 42 34.31 -14.57 -10.34
CA ALA D 42 35.34 -15.50 -10.74
C ALA D 42 35.38 -15.63 -12.25
N PRO D 43 36.55 -15.96 -12.83
CA PRO D 43 36.61 -16.15 -14.28
C PRO D 43 35.68 -17.26 -14.73
N GLY D 44 34.96 -17.00 -15.83
CA GLY D 44 34.01 -17.96 -16.37
C GLY D 44 32.68 -17.99 -15.65
N LYS D 45 32.48 -17.18 -14.63
CA LYS D 45 31.25 -17.18 -13.84
C LYS D 45 30.72 -15.75 -13.74
N GLY D 46 29.46 -15.64 -13.32
CA GLY D 46 28.83 -14.35 -13.15
C GLY D 46 29.19 -13.71 -11.82
N LEU D 47 28.60 -12.54 -11.59
CA LEU D 47 28.82 -11.82 -10.34
C LEU D 47 28.26 -12.61 -9.16
N GLU D 48 29.01 -12.62 -8.07
CA GLU D 48 28.60 -13.32 -6.86
C GLU D 48 28.81 -12.40 -5.66
N TRP D 49 27.86 -12.45 -4.73
CA TRP D 49 27.88 -11.61 -3.54
C TRP D 49 28.66 -12.31 -2.44
N VAL D 50 29.52 -11.56 -1.75
CA VAL D 50 30.38 -12.15 -0.74
C VAL D 50 30.03 -11.64 0.65
N SER D 51 30.09 -10.33 0.87
CA SER D 51 29.96 -9.81 2.23
C SER D 51 29.16 -8.52 2.25
N ASP D 52 28.59 -8.21 3.41
CA ASP D 52 27.85 -6.95 3.55
C ASP D 52 27.96 -6.40 4.96
N ILE D 53 27.96 -5.06 5.03
CA ILE D 53 27.97 -4.34 6.30
C ILE D 53 26.94 -3.22 6.22
N SER D 54 26.23 -3.01 7.32
CA SER D 54 25.10 -2.08 7.35
C SER D 54 25.59 -0.66 7.61
N GLN D 55 24.66 0.24 7.93
CA GLN D 55 25.00 1.65 8.08
C GLN D 55 25.89 1.89 9.29
N SER D 56 25.53 1.29 10.43
CA SER D 56 26.27 1.48 11.67
C SER D 56 27.46 0.53 11.79
N GLY D 57 27.55 -0.49 10.95
CA GLY D 57 28.58 -1.49 11.08
C GLY D 57 28.30 -2.55 12.12
N ALA D 58 27.13 -2.51 12.76
CA ALA D 58 26.82 -3.52 13.77
C ALA D 58 26.48 -4.87 13.13
N SER D 59 25.73 -4.85 12.03
CA SER D 59 25.29 -6.07 11.36
C SER D 59 26.24 -6.38 10.22
N ILE D 60 26.90 -7.52 10.30
CA ILE D 60 27.85 -7.99 9.29
C ILE D 60 27.44 -9.38 8.86
N SER D 61 27.37 -9.61 7.55
CA SER D 61 27.01 -10.94 7.08
C SER D 61 27.93 -11.37 5.95
N TYR D 62 28.15 -12.70 5.89
CA TYR D 62 29.09 -13.30 4.95
C TYR D 62 28.38 -14.37 4.15
N THR D 63 29.00 -14.77 3.04
CA THR D 63 28.59 -15.98 2.35
C THR D 63 29.19 -17.19 3.06
N GLY D 64 28.71 -18.38 2.67
CA GLY D 64 29.19 -19.59 3.31
C GLY D 64 30.66 -19.86 3.06
N SER D 65 31.14 -19.56 1.85
CA SER D 65 32.50 -19.92 1.46
C SER D 65 33.56 -19.05 2.14
N VAL D 66 33.18 -17.96 2.80
CA VAL D 66 34.13 -17.05 3.43
C VAL D 66 33.94 -16.97 4.93
N LYS D 67 33.17 -17.88 5.52
CA LYS D 67 32.93 -17.85 6.95
C LYS D 67 34.24 -18.07 7.72
N GLY D 68 34.46 -17.22 8.73
CA GLY D 68 35.63 -17.36 9.57
C GLY D 68 36.96 -17.02 8.94
N ARG D 69 36.95 -16.49 7.72
CA ARG D 69 38.18 -16.15 7.02
C ARG D 69 38.32 -14.67 6.73
N PHE D 70 37.27 -14.05 6.18
CA PHE D 70 37.30 -12.64 5.84
C PHE D 70 36.68 -11.81 6.96
N THR D 71 36.98 -10.51 6.95
CA THR D 71 36.36 -9.60 7.90
C THR D 71 36.32 -8.20 7.29
N ILE D 72 35.25 -7.47 7.60
CA ILE D 72 34.99 -6.17 6.97
C ILE D 72 34.66 -5.14 8.04
N SER D 73 34.88 -3.88 7.70
CA SER D 73 34.58 -2.75 8.58
C SER D 73 34.45 -1.51 7.72
N ARG D 74 33.84 -0.48 8.29
CA ARG D 74 33.65 0.79 7.59
C ARG D 74 34.12 1.92 8.47
N ASP D 75 34.92 2.81 7.90
CA ASP D 75 35.35 4.04 8.56
C ASP D 75 34.54 5.18 7.95
N ASN D 76 33.48 5.57 8.65
CA ASN D 76 32.65 6.69 8.19
C ASN D 76 33.39 8.01 8.28
N ALA D 77 34.24 8.16 9.30
CA ALA D 77 35.08 9.36 9.38
C ALA D 77 36.03 9.45 8.19
N LYS D 78 36.64 8.32 7.82
CA LYS D 78 37.50 8.24 6.65
C LYS D 78 36.77 7.69 5.43
N ASN D 79 35.44 7.56 5.52
CA ASN D 79 34.53 7.12 4.45
C ASN D 79 35.14 6.06 3.54
N THR D 80 35.54 4.94 4.12
CA THR D 80 36.13 3.85 3.36
C THR D 80 35.66 2.51 3.92
N LEU D 81 35.76 1.48 3.09
CA LEU D 81 35.35 0.13 3.44
C LEU D 81 36.56 -0.78 3.38
N TYR D 82 36.60 -1.79 4.26
CA TYR D 82 37.75 -2.67 4.36
C TYR D 82 37.35 -4.12 4.12
N LEU D 83 38.24 -4.89 3.52
CA LEU D 83 38.09 -6.33 3.45
C LEU D 83 39.42 -6.99 3.76
N GLN D 84 39.41 -7.96 4.68
CA GLN D 84 40.61 -8.67 5.10
C GLN D 84 40.41 -10.16 4.88
N MET D 85 41.40 -10.78 4.26
CA MET D 85 41.36 -12.20 3.90
C MET D 85 42.31 -12.99 4.78
N ASN D 86 41.95 -14.26 4.99
CA ASN D 86 42.77 -15.20 5.76
C ASN D 86 42.64 -16.58 5.14
N SER D 87 43.78 -17.28 5.02
CA SER D 87 43.83 -18.64 4.51
C SER D 87 43.24 -18.71 3.10
N LEU D 88 43.93 -18.04 2.18
CA LEU D 88 43.48 -17.97 0.80
C LEU D 88 43.49 -19.35 0.16
N LYS D 89 42.62 -19.53 -0.82
CA LYS D 89 42.47 -20.76 -1.57
C LYS D 89 42.55 -20.46 -3.05
N PRO D 90 42.92 -21.45 -3.87
CA PRO D 90 43.02 -21.20 -5.32
C PRO D 90 41.69 -20.80 -5.95
N GLU D 91 40.57 -21.10 -5.32
CA GLU D 91 39.25 -20.78 -5.85
C GLU D 91 38.82 -19.35 -5.57
N ASP D 92 39.63 -18.57 -4.86
CA ASP D 92 39.33 -17.18 -4.57
C ASP D 92 39.91 -16.21 -5.60
N THR D 93 40.52 -16.71 -6.66
CA THR D 93 41.04 -15.85 -7.73
C THR D 93 39.86 -15.24 -8.47
N ALA D 94 39.65 -13.93 -8.28
CA ALA D 94 38.47 -13.28 -8.82
C ALA D 94 38.69 -11.78 -8.85
N VAL D 95 37.75 -11.09 -9.49
CA VAL D 95 37.72 -9.62 -9.49
C VAL D 95 36.76 -9.19 -8.39
N TYR D 96 37.21 -8.28 -7.53
CA TYR D 96 36.42 -7.84 -6.39
C TYR D 96 35.90 -6.44 -6.66
N TYR D 97 34.60 -6.25 -6.44
CA TYR D 97 33.90 -5.00 -6.64
C TYR D 97 33.28 -4.55 -5.32
N CYS D 98 33.57 -3.31 -4.95
CA CYS D 98 32.99 -2.68 -3.76
C CYS D 98 31.70 -2.01 -4.17
N ALA D 99 30.57 -2.60 -3.79
CA ALA D 99 29.27 -2.18 -4.27
C ALA D 99 28.52 -1.39 -3.21
N ARG D 100 27.62 -0.52 -3.68
CA ARG D 100 26.85 0.36 -2.81
C ARG D 100 25.39 -0.06 -2.79
N CYS D 101 24.57 0.73 -2.12
CA CYS D 101 23.15 0.51 -1.99
C CYS D 101 22.41 1.65 -2.69
N PRO D 102 21.45 1.34 -3.57
CA PRO D 102 20.82 2.42 -4.35
C PRO D 102 20.15 3.49 -3.52
N ALA D 103 19.62 3.16 -2.34
CA ALA D 103 18.94 4.16 -1.53
C ALA D 103 19.45 4.11 -0.10
N PRO D 104 19.50 5.26 0.57
CA PRO D 104 19.91 5.28 1.97
C PRO D 104 18.80 4.84 2.91
N PHE D 105 19.20 4.49 4.13
CA PHE D 105 18.29 4.18 5.22
C PHE D 105 17.36 3.03 4.87
N THR D 106 17.94 1.93 4.39
CA THR D 106 17.18 0.74 4.05
C THR D 106 17.93 -0.48 4.58
N ARG D 107 17.18 -1.45 5.10
CA ARG D 107 17.79 -2.63 5.69
C ARG D 107 18.59 -3.42 4.65
N ASP D 108 18.03 -3.59 3.46
CA ASP D 108 18.74 -4.22 2.37
C ASP D 108 18.14 -3.74 1.06
N CYS D 109 18.88 -3.93 -0.02
CA CYS D 109 18.50 -3.34 -1.30
C CYS D 109 18.84 -4.26 -2.45
N PHE D 110 18.11 -4.05 -3.54
CA PHE D 110 18.05 -4.97 -4.67
C PHE D 110 19.30 -4.84 -5.55
N ASP D 111 19.36 -5.70 -6.56
CA ASP D 111 20.19 -5.65 -7.76
C ASP D 111 21.58 -5.06 -7.52
N VAL D 112 22.21 -5.44 -6.39
CA VAL D 112 23.60 -5.08 -6.18
C VAL D 112 24.52 -5.96 -7.02
N THR D 113 24.17 -7.23 -7.15
CA THR D 113 25.00 -8.20 -7.86
C THR D 113 24.66 -8.28 -9.34
N SER D 114 23.90 -7.34 -9.87
CA SER D 114 23.54 -7.37 -11.28
C SER D 114 24.76 -7.11 -12.15
N THR D 115 24.63 -7.45 -13.42
CA THR D 115 25.72 -7.30 -14.38
C THR D 115 25.75 -5.93 -15.03
N THR D 116 24.87 -5.01 -14.64
CA THR D 116 24.81 -3.67 -15.20
C THR D 116 24.66 -2.61 -14.11
N TYR D 117 25.10 -2.93 -12.90
CA TYR D 117 24.96 -2.00 -11.78
C TYR D 117 25.82 -0.76 -12.00
N ALA D 118 25.43 0.33 -11.34
CA ALA D 118 26.07 1.63 -11.52
C ALA D 118 26.97 2.05 -10.37
N TYR D 119 26.59 1.78 -9.13
CA TYR D 119 27.35 2.21 -7.97
C TYR D 119 28.31 1.12 -7.49
N ARG D 120 29.18 0.70 -8.40
CA ARG D 120 30.28 -0.21 -8.05
C ARG D 120 31.54 0.27 -8.74
N GLY D 121 32.68 -0.09 -8.16
CA GLY D 121 33.96 0.36 -8.68
C GLY D 121 34.44 -0.45 -9.85
N GLN D 122 35.66 -0.11 -10.31
CA GLN D 122 36.25 -0.82 -11.43
C GLN D 122 36.67 -2.24 -11.06
N GLY D 123 37.11 -2.44 -9.83
CA GLY D 123 37.42 -3.77 -9.34
C GLY D 123 38.92 -3.98 -9.17
N THR D 124 39.25 -4.94 -8.31
CA THR D 124 40.63 -5.36 -8.08
C THR D 124 40.76 -6.84 -8.42
N GLN D 125 41.74 -7.17 -9.24
CA GLN D 125 42.00 -8.56 -9.61
C GLN D 125 42.88 -9.21 -8.55
N VAL D 126 42.40 -10.29 -7.95
CA VAL D 126 43.14 -11.01 -6.91
C VAL D 126 43.34 -12.44 -7.38
N THR D 127 44.60 -12.85 -7.47
CA THR D 127 44.96 -14.18 -7.93
C THR D 127 45.69 -14.94 -6.83
N VAL D 128 45.50 -16.25 -6.80
CA VAL D 128 46.12 -17.08 -5.79
C VAL D 128 46.83 -18.26 -6.46
N SER E 8 -43.82 -5.04 43.53
CA SER E 8 -43.93 -3.91 44.45
C SER E 8 -45.25 -3.18 44.24
N LEU E 9 -45.39 -2.52 43.09
CA LEU E 9 -46.60 -1.77 42.77
C LEU E 9 -47.44 -2.41 41.67
N TRP E 10 -46.82 -3.12 40.73
CA TRP E 10 -47.61 -3.85 39.74
C TRP E 10 -48.39 -4.97 40.38
N GLU E 11 -47.83 -5.61 41.42
CA GLU E 11 -48.61 -6.54 42.22
C GLU E 11 -49.81 -5.84 42.86
N THR E 12 -49.61 -4.60 43.32
CA THR E 12 -50.72 -3.84 43.90
C THR E 12 -51.80 -3.58 42.87
N VAL E 13 -51.41 -3.19 41.65
CA VAL E 13 -52.43 -2.86 40.64
C VAL E 13 -53.14 -4.12 40.15
N GLN E 14 -52.42 -5.26 40.06
CA GLN E 14 -53.11 -6.49 39.66
C GLN E 14 -54.04 -6.97 40.76
N LYS E 15 -53.65 -6.80 42.02
CA LYS E 15 -54.57 -7.08 43.12
C LYS E 15 -55.80 -6.17 43.06
N TRP E 16 -55.59 -4.90 42.72
CA TRP E 16 -56.71 -3.97 42.62
C TRP E 16 -57.66 -4.37 41.50
N ARG E 17 -57.12 -4.76 40.34
CA ARG E 17 -58.00 -5.15 39.24
C ARG E 17 -58.71 -6.47 39.53
N GLU E 18 -58.04 -7.39 40.25
CA GLU E 18 -58.73 -8.61 40.68
C GLU E 18 -59.84 -8.29 41.67
N TYR E 19 -59.62 -7.31 42.55
CA TYR E 19 -60.68 -6.88 43.46
C TYR E 19 -61.84 -6.26 42.69
N ARG E 20 -61.54 -5.49 41.64
CA ARG E 20 -62.60 -4.95 40.79
C ARG E 20 -63.39 -6.07 40.11
N ARG E 21 -62.68 -7.10 39.63
CA ARG E 21 -63.35 -8.25 39.04
C ARG E 21 -64.26 -8.94 40.06
N GLN E 22 -63.78 -9.11 41.29
CA GLN E 22 -64.59 -9.74 42.33
C GLN E 22 -65.82 -8.90 42.64
N CYS E 23 -65.67 -7.58 42.72
CA CYS E 23 -66.81 -6.71 42.97
C CYS E 23 -67.81 -6.77 41.83
N GLN E 24 -67.33 -6.80 40.59
CA GLN E 24 -68.23 -6.91 39.44
C GLN E 24 -68.99 -8.24 39.47
N ARG E 25 -68.30 -9.33 39.82
CA ARG E 25 -68.97 -10.61 39.93
C ARG E 25 -70.02 -10.61 41.04
N SER E 26 -69.69 -9.99 42.18
CA SER E 26 -70.65 -9.93 43.28
C SER E 26 -71.88 -9.11 42.90
N LEU E 27 -71.68 -7.98 42.21
CA LEU E 27 -72.81 -7.12 41.87
C LEU E 27 -73.69 -7.75 40.78
N THR E 28 -73.07 -8.42 39.81
CA THR E 28 -73.78 -8.93 38.65
C THR E 28 -74.09 -10.42 38.76
N GLU E 29 -73.07 -11.25 38.94
CA GLU E 29 -73.28 -12.70 38.93
C GLU E 29 -74.06 -13.16 40.16
N ASP E 30 -73.51 -12.91 41.35
CA ASP E 30 -74.15 -13.38 42.57
C ASP E 30 -75.37 -12.54 42.88
N PRO E 31 -76.56 -13.13 43.05
CA PRO E 31 -77.79 -12.41 43.37
C PRO E 31 -77.99 -12.23 44.88
N GLU E 115 -37.50 0.43 47.23
CA GLU E 115 -36.76 -0.57 47.99
C GLU E 115 -35.26 -0.38 47.81
N GLU E 116 -34.48 -0.76 48.83
CA GLU E 116 -33.04 -0.49 48.82
C GLU E 116 -32.35 -1.23 47.68
N GLN E 117 -32.58 -2.54 47.59
CA GLN E 117 -31.96 -3.32 46.51
C GLN E 117 -32.46 -2.86 45.15
N LEU E 118 -33.74 -2.52 45.06
CA LEU E 118 -34.28 -2.00 43.81
C LEU E 118 -33.60 -0.71 43.40
N LEU E 119 -33.40 0.21 44.35
CA LEU E 119 -32.70 1.45 44.04
C LEU E 119 -31.26 1.20 43.65
N PHE E 120 -30.59 0.25 44.32
CA PHE E 120 -29.21 -0.08 43.99
C PHE E 120 -29.10 -0.60 42.56
N LEU E 121 -29.96 -1.56 42.20
CA LEU E 121 -29.94 -2.11 40.85
C LEU E 121 -30.31 -1.05 39.82
N TYR E 122 -31.26 -0.18 40.16
CA TYR E 122 -31.62 0.93 39.29
C TYR E 122 -30.42 1.83 39.00
N ILE E 123 -29.71 2.22 40.06
CA ILE E 123 -28.53 3.05 39.88
C ILE E 123 -27.51 2.33 39.01
N ILE E 124 -27.28 1.04 39.28
CA ILE E 124 -26.30 0.27 38.53
C ILE E 124 -26.61 0.35 37.03
N TYR E 125 -27.81 -0.10 36.64
CA TYR E 125 -28.06 -0.21 35.21
C TYR E 125 -28.25 1.16 34.57
N THR E 126 -28.74 2.16 35.31
CA THR E 126 -28.90 3.48 34.72
C THR E 126 -27.55 4.12 34.45
N VAL E 127 -26.61 4.05 35.39
CA VAL E 127 -25.27 4.59 35.12
C VAL E 127 -24.59 3.80 34.01
N GLY E 128 -24.77 2.47 33.98
CA GLY E 128 -24.21 1.69 32.90
C GLY E 128 -24.73 2.11 31.54
N TYR E 129 -26.05 2.27 31.43
CA TYR E 129 -26.65 2.66 30.16
C TYR E 129 -26.27 4.09 29.78
N ALA E 130 -26.14 4.98 30.76
CA ALA E 130 -25.71 6.35 30.46
C ALA E 130 -24.28 6.38 29.93
N LEU E 131 -23.39 5.60 30.55
CA LEU E 131 -22.02 5.50 30.07
C LEU E 131 -21.99 4.91 28.66
N SER E 132 -22.81 3.87 28.42
CA SER E 132 -22.88 3.29 27.08
C SER E 132 -23.39 4.31 26.06
N PHE E 133 -24.42 5.06 26.42
CA PHE E 133 -24.97 6.06 25.50
C PHE E 133 -23.92 7.10 25.16
N SER E 134 -23.20 7.61 26.16
CA SER E 134 -22.16 8.60 25.90
C SER E 134 -21.06 8.01 25.03
N ALA E 135 -20.60 6.81 25.37
CA ALA E 135 -19.51 6.19 24.63
C ALA E 135 -19.88 5.97 23.18
N LEU E 136 -21.10 5.50 22.91
CA LEU E 136 -21.48 5.20 21.55
C LEU E 136 -21.85 6.44 20.75
N VAL E 137 -22.41 7.48 21.39
CA VAL E 137 -22.65 8.70 20.63
C VAL E 137 -21.31 9.35 20.28
N ILE E 138 -20.29 9.15 21.11
CA ILE E 138 -18.95 9.59 20.74
C ILE E 138 -18.39 8.71 19.62
N ALA E 139 -18.58 7.40 19.72
CA ALA E 139 -17.98 6.46 18.77
C ALA E 139 -18.55 6.65 17.37
N SER E 140 -19.88 6.76 17.25
CA SER E 140 -20.49 6.91 15.93
C SER E 140 -20.10 8.22 15.27
N ALA E 141 -19.62 9.20 16.04
CA ALA E 141 -19.07 10.41 15.46
C ALA E 141 -17.62 10.24 15.02
N ILE E 142 -17.01 9.09 15.29
CA ILE E 142 -15.64 8.81 14.87
C ILE E 142 -15.61 7.88 13.66
N LEU E 143 -16.43 6.83 13.68
CA LEU E 143 -16.47 5.91 12.54
C LEU E 143 -17.14 6.51 11.32
N LEU E 144 -17.85 7.63 11.46
CA LEU E 144 -18.57 8.26 10.37
C LEU E 144 -18.12 9.69 10.13
N GLY E 145 -16.89 10.04 10.53
CA GLY E 145 -16.40 11.38 10.34
C GLY E 145 -14.94 11.47 9.93
N PHE E 146 -14.42 10.40 9.33
CA PHE E 146 -13.02 10.35 8.94
C PHE E 146 -12.78 10.03 7.47
N ARG E 147 -13.75 9.45 6.76
CA ARG E 147 -13.66 9.19 5.33
C ARG E 147 -12.55 8.20 4.98
N HIS E 148 -11.90 7.64 6.00
CA HIS E 148 -10.89 6.61 5.80
C HIS E 148 -11.33 5.26 6.35
N LEU E 149 -12.08 5.24 7.43
CA LEU E 149 -12.60 4.02 8.01
C LEU E 149 -13.88 3.54 7.35
N HIS E 150 -14.35 4.24 6.30
CA HIS E 150 -15.59 3.86 5.65
C HIS E 150 -15.43 2.58 4.84
N CYS E 151 -15.77 1.45 5.45
CA CYS E 151 -15.71 0.15 4.79
C CYS E 151 -16.96 -0.63 5.16
N THR E 152 -17.02 -1.88 4.71
CA THR E 152 -18.18 -2.71 5.05
C THR E 152 -18.18 -3.11 6.51
N ARG E 153 -16.99 -3.32 7.10
CA ARG E 153 -16.93 -3.63 8.52
C ARG E 153 -17.49 -2.51 9.36
N ASN E 154 -17.00 -1.28 9.14
CA ASN E 154 -17.39 -0.17 9.99
C ASN E 154 -18.84 0.23 9.79
N TYR E 155 -19.43 -0.08 8.64
CA TYR E 155 -20.87 0.15 8.47
C TYR E 155 -21.67 -0.75 9.40
N ILE E 156 -21.31 -2.03 9.47
CA ILE E 156 -21.99 -2.94 10.39
C ILE E 156 -21.71 -2.57 11.83
N HIS E 157 -20.49 -2.10 12.12
CA HIS E 157 -20.18 -1.62 13.47
C HIS E 157 -21.03 -0.42 13.83
N LEU E 158 -21.23 0.50 12.88
CA LEU E 158 -22.05 1.67 13.14
C LEU E 158 -23.51 1.29 13.31
N ASN E 159 -23.98 0.28 12.56
CA ASN E 159 -25.34 -0.21 12.77
C ASN E 159 -25.48 -0.86 14.15
N LEU E 160 -24.47 -1.60 14.59
CA LEU E 160 -24.48 -2.14 15.94
C LEU E 160 -24.55 -1.03 16.98
N PHE E 161 -23.76 0.02 16.78
CA PHE E 161 -23.76 1.13 17.74
C PHE E 161 -25.11 1.83 17.76
N ALA E 162 -25.71 2.02 16.59
CA ALA E 162 -27.05 2.62 16.53
C ALA E 162 -28.07 1.74 17.24
N SER E 163 -27.98 0.43 17.06
CA SER E 163 -28.92 -0.47 17.74
C SER E 163 -28.75 -0.42 19.25
N PHE E 164 -27.51 -0.38 19.73
CA PHE E 164 -27.28 -0.28 21.17
C PHE E 164 -27.80 1.05 21.71
N ILE E 165 -27.57 2.13 20.99
CA ILE E 165 -28.09 3.43 21.41
C ILE E 165 -29.61 3.41 21.47
N LEU E 166 -30.23 2.78 20.46
CA LEU E 166 -31.68 2.68 20.44
C LEU E 166 -32.19 1.89 21.64
N ARG E 167 -31.53 0.78 21.98
CA ARG E 167 -31.96 -0.01 23.13
C ARG E 167 -31.83 0.78 24.43
N ALA E 168 -30.71 1.48 24.62
CA ALA E 168 -30.52 2.26 25.83
C ALA E 168 -31.54 3.40 25.92
N LEU E 169 -31.81 4.06 24.80
CA LEU E 169 -32.79 5.13 24.76
C LEU E 169 -34.19 4.60 25.09
N SER E 170 -34.53 3.43 24.55
CA SER E 170 -35.83 2.84 24.86
C SER E 170 -35.96 2.49 26.33
N VAL E 171 -34.89 1.95 26.92
CA VAL E 171 -34.92 1.65 28.35
C VAL E 171 -35.08 2.92 29.17
N PHE E 172 -34.39 4.00 28.74
CA PHE E 172 -34.53 5.28 29.44
C PHE E 172 -35.96 5.78 29.37
N ILE E 173 -36.59 5.70 28.19
CA ILE E 173 -37.98 6.15 28.04
C ILE E 173 -38.90 5.31 28.92
N LYS E 174 -38.70 3.99 28.91
CA LYS E 174 -39.53 3.10 29.73
C LYS E 174 -39.43 3.47 31.21
N ASP E 175 -38.21 3.64 31.71
CA ASP E 175 -38.02 3.96 33.11
C ASP E 175 -38.61 5.33 33.45
N ALA E 176 -38.37 6.33 32.60
CA ALA E 176 -38.88 7.67 32.88
C ALA E 176 -40.40 7.68 32.89
N ALA E 177 -41.03 7.00 31.93
CA ALA E 177 -42.49 6.95 31.89
C ALA E 177 -43.04 6.23 33.12
N LEU E 178 -42.43 5.11 33.51
CA LEU E 178 -42.91 4.39 34.69
C LEU E 178 -42.76 5.23 35.96
N LYS E 179 -41.62 5.90 36.10
CA LYS E 179 -41.39 6.73 37.28
C LYS E 179 -42.36 7.91 37.34
N TRP E 180 -42.60 8.55 36.19
CA TRP E 180 -43.55 9.65 36.16
C TRP E 180 -44.98 9.17 36.44
N MET E 181 -45.33 7.99 35.95
CA MET E 181 -46.65 7.44 36.22
C MET E 181 -46.84 7.15 37.70
N TYR E 182 -45.85 6.50 38.33
CA TYR E 182 -46.02 6.09 39.72
C TYR E 182 -45.83 7.23 40.70
N SER E 183 -44.94 8.19 40.40
CA SER E 183 -44.74 9.32 41.30
C SER E 183 -45.92 10.27 41.28
N THR E 184 -46.41 10.60 40.08
CA THR E 184 -47.53 11.52 39.96
C THR E 184 -48.84 10.88 40.43
N ALA E 185 -49.09 9.65 40.01
CA ALA E 185 -50.33 8.94 40.33
C ALA E 185 -50.01 7.77 41.25
N ALA E 186 -50.17 7.99 42.56
CA ALA E 186 -50.02 6.93 43.53
C ALA E 186 -51.06 7.00 44.65
N GLN E 187 -52.01 7.93 44.58
CA GLN E 187 -52.97 8.10 45.65
C GLN E 187 -54.02 6.99 45.62
N GLN E 188 -54.68 6.81 46.76
CA GLN E 188 -55.72 5.79 46.87
C GLN E 188 -56.88 6.08 45.93
N HIS E 189 -57.29 7.34 45.86
CA HIS E 189 -58.39 7.74 44.99
C HIS E 189 -57.95 8.01 43.55
N GLN E 190 -56.64 8.08 43.29
CA GLN E 190 -56.11 8.33 41.96
C GLN E 190 -55.66 7.05 41.27
N TRP E 191 -55.94 5.89 41.86
CA TRP E 191 -55.54 4.63 41.24
C TRP E 191 -56.18 4.44 39.87
N ASP E 192 -57.42 4.93 39.70
CA ASP E 192 -58.05 4.89 38.39
C ASP E 192 -57.21 5.60 37.35
N GLY E 193 -56.59 6.72 37.73
CA GLY E 193 -55.69 7.42 36.83
C GLY E 193 -54.56 6.54 36.32
N LEU E 194 -54.11 5.58 37.13
CA LEU E 194 -53.17 4.59 36.64
C LEU E 194 -53.82 3.73 35.57
N LEU E 195 -54.99 3.16 35.86
CA LEU E 195 -55.64 2.26 34.92
C LEU E 195 -55.97 2.97 33.62
N SER E 196 -56.46 4.21 33.70
CA SER E 196 -56.76 4.98 32.50
C SER E 196 -55.54 5.12 31.61
N TYR E 197 -54.34 5.12 32.19
CA TYR E 197 -53.12 5.11 31.41
C TYR E 197 -52.42 3.76 31.38
N GLN E 198 -52.87 2.80 32.20
CA GLN E 198 -52.33 1.45 32.10
C GLN E 198 -53.00 0.65 31.00
N ASP E 199 -54.26 0.97 30.70
CA ASP E 199 -55.00 0.30 29.64
C ASP E 199 -55.03 1.11 28.35
N SER E 200 -54.29 2.21 28.29
CA SER E 200 -54.22 3.03 27.09
C SER E 200 -53.28 2.39 26.06
N LEU E 201 -53.36 2.91 24.83
CA LEU E 201 -52.51 2.40 23.76
C LEU E 201 -51.06 2.87 23.89
N SER E 202 -50.80 3.91 24.69
CA SER E 202 -49.43 4.39 24.84
C SER E 202 -48.54 3.34 25.49
N CYS E 203 -49.05 2.66 26.53
CA CYS E 203 -48.28 1.61 27.18
C CYS E 203 -47.96 0.49 26.19
N ARG E 204 -48.95 0.09 25.38
CA ARG E 204 -48.73 -0.97 24.41
C ARG E 204 -47.71 -0.57 23.35
N LEU E 205 -47.81 0.66 22.85
CA LEU E 205 -46.84 1.12 21.85
C LEU E 205 -45.44 1.18 22.44
N VAL E 206 -45.31 1.65 23.68
CA VAL E 206 -43.99 1.70 24.31
C VAL E 206 -43.44 0.29 24.48
N PHE E 207 -44.29 -0.67 24.87
CA PHE E 207 -43.83 -2.04 25.04
C PHE E 207 -43.38 -2.65 23.72
N LEU E 208 -44.12 -2.40 22.63
CA LEU E 208 -43.69 -2.90 21.33
C LEU E 208 -42.39 -2.24 20.88
N LEU E 209 -42.22 -0.94 21.15
CA LEU E 209 -40.94 -0.32 20.82
C LEU E 209 -39.79 -0.93 21.62
N MET E 210 -40.02 -1.21 22.90
CA MET E 210 -38.99 -1.85 23.72
C MET E 210 -38.64 -3.23 23.16
N GLN E 211 -39.66 -4.02 22.84
CA GLN E 211 -39.44 -5.36 22.30
C GLN E 211 -38.72 -5.31 20.95
N TYR E 212 -39.10 -4.37 20.09
CA TYR E 212 -38.43 -4.24 18.80
C TYR E 212 -36.99 -3.81 18.97
N CYS E 213 -36.72 -2.94 19.94
CA CYS E 213 -35.34 -2.55 20.21
C CYS E 213 -34.52 -3.76 20.67
N VAL E 214 -35.09 -4.58 21.55
CA VAL E 214 -34.38 -5.78 22.00
C VAL E 214 -34.09 -6.70 20.82
N ALA E 215 -35.09 -6.92 19.97
CA ALA E 215 -34.90 -7.82 18.83
C ALA E 215 -33.88 -7.26 17.85
N ALA E 216 -33.94 -5.96 17.56
CA ALA E 216 -32.99 -5.34 16.65
C ALA E 216 -31.61 -5.20 17.24
N ASN E 217 -31.46 -5.40 18.55
CA ASN E 217 -30.13 -5.45 19.13
C ASN E 217 -29.59 -6.88 19.20
N TYR E 218 -30.46 -7.87 19.33
CA TYR E 218 -30.04 -9.27 19.34
C TYR E 218 -29.88 -9.85 17.95
N TYR E 219 -30.12 -9.08 16.90
CA TYR E 219 -29.92 -9.52 15.54
C TYR E 219 -28.81 -8.80 14.82
N TRP E 220 -28.33 -7.67 15.35
CA TRP E 220 -27.17 -7.03 14.76
C TRP E 220 -25.87 -7.66 15.24
N LEU E 221 -25.86 -8.20 16.46
CA LEU E 221 -24.75 -9.07 16.87
C LEU E 221 -24.67 -10.30 15.97
N LEU E 222 -25.82 -10.89 15.65
CA LEU E 222 -25.85 -12.01 14.72
C LEU E 222 -25.36 -11.60 13.34
N VAL E 223 -25.70 -10.40 12.90
CA VAL E 223 -25.22 -9.92 11.60
C VAL E 223 -23.71 -9.78 11.62
N GLU E 224 -23.16 -9.22 12.71
CA GLU E 224 -21.71 -9.11 12.82
C GLU E 224 -21.05 -10.49 12.80
N GLY E 225 -21.64 -11.44 13.51
CA GLY E 225 -21.09 -12.79 13.53
C GLY E 225 -21.11 -13.45 12.17
N VAL E 226 -22.24 -13.37 11.47
CA VAL E 226 -22.31 -14.00 10.16
C VAL E 226 -21.40 -13.31 9.15
N TYR E 227 -21.24 -11.99 9.26
CA TYR E 227 -20.32 -11.29 8.38
C TYR E 227 -18.88 -11.75 8.61
N LEU E 228 -18.47 -11.86 9.87
CA LEU E 228 -17.13 -12.35 10.15
C LEU E 228 -16.95 -13.78 9.66
N TYR E 229 -17.96 -14.63 9.84
CA TYR E 229 -17.87 -16.00 9.37
C TYR E 229 -17.76 -16.07 7.85
N THR E 230 -18.50 -15.23 7.14
CA THR E 230 -18.37 -15.19 5.68
C THR E 230 -16.97 -14.72 5.28
N LEU E 231 -16.41 -13.77 6.04
CA LEU E 231 -15.04 -13.35 5.76
C LEU E 231 -14.07 -14.51 5.90
N LEU E 232 -14.24 -15.34 6.93
CA LEU E 232 -13.30 -16.42 7.18
C LEU E 232 -13.68 -17.73 6.52
N ALA E 233 -14.75 -17.78 5.74
CA ALA E 233 -15.19 -19.02 5.11
C ALA E 233 -15.51 -18.82 3.64
N PHE E 234 -14.61 -18.12 2.95
CA PHE E 234 -14.61 -17.94 1.50
C PHE E 234 -15.98 -17.65 0.90
N SER E 235 -16.82 -16.92 1.63
CA SER E 235 -18.17 -16.59 1.17
C SER E 235 -18.22 -15.20 0.54
N VAL E 236 -17.13 -14.76 -0.08
CA VAL E 236 -17.09 -13.44 -0.69
C VAL E 236 -18.12 -13.35 -1.82
N PHE E 237 -18.82 -12.22 -1.87
CA PHE E 237 -19.82 -11.98 -2.90
C PHE E 237 -19.96 -10.47 -3.10
N SER E 238 -20.91 -10.07 -3.94
CA SER E 238 -21.06 -8.67 -4.31
C SER E 238 -21.55 -7.83 -3.12
N GLU E 239 -21.19 -6.55 -3.15
CA GLU E 239 -21.51 -5.66 -2.03
C GLU E 239 -23.01 -5.37 -1.96
N GLN E 240 -23.66 -5.19 -3.11
CA GLN E 240 -25.08 -4.87 -3.10
C GLN E 240 -25.90 -6.05 -2.55
N TRP E 241 -25.51 -7.27 -2.91
CA TRP E 241 -26.21 -8.45 -2.44
C TRP E 241 -25.92 -8.78 -0.99
N ILE E 242 -24.88 -8.20 -0.40
CA ILE E 242 -24.46 -8.53 0.96
C ILE E 242 -24.90 -7.47 1.96
N PHE E 243 -24.56 -6.20 1.71
CA PHE E 243 -24.85 -5.15 2.68
C PHE E 243 -26.34 -4.93 2.84
N ARG E 244 -27.07 -4.92 1.73
CA ARG E 244 -28.53 -4.72 1.82
C ARG E 244 -29.20 -5.89 2.52
N LEU E 245 -28.73 -7.11 2.25
CA LEU E 245 -29.28 -8.28 2.94
C LEU E 245 -28.98 -8.20 4.44
N TYR E 246 -27.78 -7.75 4.81
CA TYR E 246 -27.44 -7.62 6.22
C TYR E 246 -28.29 -6.56 6.90
N VAL E 247 -28.52 -5.43 6.24
CA VAL E 247 -29.38 -4.40 6.80
C VAL E 247 -30.80 -4.92 6.97
N SER E 248 -31.29 -5.65 5.97
CA SER E 248 -32.62 -6.26 6.08
C SER E 248 -32.70 -7.20 7.28
N ILE E 249 -31.73 -8.11 7.40
CA ILE E 249 -31.72 -9.05 8.52
C ILE E 249 -31.69 -8.31 9.84
N GLY E 250 -30.85 -7.28 9.94
CA GLY E 250 -30.71 -6.56 11.19
C GLY E 250 -31.97 -5.83 11.61
N TRP E 251 -32.64 -5.16 10.66
CA TRP E 251 -33.73 -4.28 11.02
C TRP E 251 -35.11 -4.85 10.70
N GLY E 252 -35.35 -5.25 9.44
CA GLY E 252 -36.69 -5.63 9.04
C GLY E 252 -37.19 -6.91 9.70
N VAL E 253 -36.33 -7.92 9.78
CA VAL E 253 -36.75 -9.20 10.37
C VAL E 253 -37.21 -9.04 11.81
N PRO E 254 -36.51 -8.29 12.68
CA PRO E 254 -37.10 -8.00 14.00
C PRO E 254 -38.49 -7.40 13.92
N LEU E 255 -38.70 -6.45 13.01
CA LEU E 255 -40.05 -5.93 12.80
C LEU E 255 -40.99 -7.04 12.35
N LEU E 256 -40.51 -7.93 11.47
CA LEU E 256 -41.37 -8.94 10.90
C LEU E 256 -41.75 -10.05 11.88
N PHE E 257 -41.05 -10.20 13.00
CA PHE E 257 -41.59 -11.11 14.02
C PHE E 257 -42.01 -10.39 15.29
N VAL E 258 -41.96 -9.06 15.34
CA VAL E 258 -42.63 -8.35 16.43
C VAL E 258 -44.01 -7.84 16.05
N VAL E 259 -44.30 -7.65 14.76
CA VAL E 259 -45.66 -7.23 14.41
C VAL E 259 -46.66 -8.37 14.54
N PRO E 260 -46.33 -9.65 14.24
CA PRO E 260 -47.31 -10.71 14.54
C PRO E 260 -47.64 -10.79 16.01
N TRP E 261 -46.65 -10.58 16.88
CA TRP E 261 -46.93 -10.55 18.31
C TRP E 261 -47.86 -9.39 18.67
N GLY E 262 -47.63 -8.22 18.08
CA GLY E 262 -48.50 -7.09 18.34
C GLY E 262 -49.93 -7.33 17.91
N ILE E 263 -50.11 -7.91 16.72
CA ILE E 263 -51.47 -8.15 16.23
C ILE E 263 -52.15 -9.26 17.03
N VAL E 264 -51.40 -10.29 17.43
CA VAL E 264 -52.03 -11.39 18.15
C VAL E 264 -52.33 -10.98 19.58
N LYS E 265 -51.59 -10.02 20.14
CA LYS E 265 -51.88 -9.52 21.47
C LYS E 265 -52.93 -8.42 21.47
N TYR E 266 -53.11 -7.72 20.35
CA TYR E 266 -54.12 -6.66 20.26
C TYR E 266 -55.52 -7.21 20.12
N LEU E 267 -55.70 -8.35 19.45
CA LEU E 267 -57.01 -8.87 19.13
C LEU E 267 -57.42 -10.08 19.95
N TYR E 268 -56.58 -10.55 20.88
CA TYR E 268 -56.91 -11.76 21.62
C TYR E 268 -57.09 -11.52 23.12
N GLU E 269 -56.11 -10.93 23.79
CA GLU E 269 -56.18 -10.74 25.23
C GLU E 269 -56.27 -9.27 25.63
N ASP E 270 -55.28 -8.46 25.26
CA ASP E 270 -55.31 -7.01 25.41
C ASP E 270 -55.65 -6.58 26.84
N GLU E 271 -54.77 -6.93 27.78
CA GLU E 271 -54.90 -6.46 29.15
C GLU E 271 -53.53 -6.13 29.72
N GLY E 272 -53.51 -5.18 30.64
CA GLY E 272 -52.26 -4.77 31.28
C GLY E 272 -51.25 -4.20 30.31
N CYS E 273 -51.71 -3.49 29.28
CA CYS E 273 -50.91 -3.01 28.16
C CYS E 273 -49.89 -4.06 27.71
N TRP E 274 -50.31 -5.32 27.67
CA TRP E 274 -49.51 -6.41 27.12
C TRP E 274 -48.18 -6.58 27.84
N THR E 275 -48.15 -6.28 29.14
CA THR E 275 -46.90 -6.38 29.90
C THR E 275 -46.69 -7.80 30.45
N ARG E 276 -47.60 -8.30 31.24
CA ARG E 276 -47.38 -9.64 31.68
C ARG E 276 -47.76 -10.58 30.58
N ASN E 277 -47.24 -11.77 30.67
CA ASN E 277 -47.50 -12.80 29.65
C ASN E 277 -48.74 -13.59 30.03
N SER E 278 -49.83 -13.38 29.28
CA SER E 278 -51.06 -14.11 29.52
C SER E 278 -50.97 -15.54 28.97
N ASN E 279 -50.48 -15.68 27.75
CA ASN E 279 -50.29 -16.98 27.12
C ASN E 279 -48.79 -17.23 26.93
N MET E 280 -48.36 -18.44 27.28
CA MET E 280 -46.95 -18.79 27.11
C MET E 280 -46.58 -18.80 25.64
N ASN E 281 -47.43 -19.36 24.79
CA ASN E 281 -47.13 -19.44 23.36
C ASN E 281 -46.89 -18.06 22.77
N TYR E 282 -47.62 -17.05 23.24
CA TYR E 282 -47.43 -15.70 22.72
C TYR E 282 -46.14 -15.08 23.23
N TRP E 283 -45.58 -15.59 24.32
CA TRP E 283 -44.23 -15.21 24.69
C TRP E 283 -43.19 -15.93 23.84
N LEU E 284 -43.46 -17.19 23.51
CA LEU E 284 -42.54 -17.94 22.65
C LEU E 284 -42.43 -17.33 21.26
N ILE E 285 -43.55 -16.87 20.70
CA ILE E 285 -43.51 -16.31 19.35
C ILE E 285 -42.64 -15.06 19.25
N ILE E 286 -42.16 -14.53 20.37
CA ILE E 286 -41.19 -13.44 20.35
C ILE E 286 -39.88 -13.81 21.02
N ARG E 287 -39.82 -14.88 21.81
CA ARG E 287 -38.57 -15.28 22.44
C ARG E 287 -37.79 -16.31 21.62
N LEU E 288 -38.47 -17.20 20.89
CA LEU E 288 -37.78 -18.25 20.15
C LEU E 288 -36.84 -17.72 19.08
N PRO E 289 -37.21 -16.74 18.24
CA PRO E 289 -36.21 -16.21 17.29
C PRO E 289 -34.98 -15.64 17.96
N ILE E 290 -35.16 -15.00 19.12
CA ILE E 290 -34.02 -14.48 19.87
C ILE E 290 -33.11 -15.62 20.30
N LEU E 291 -33.70 -16.73 20.78
CA LEU E 291 -32.90 -17.88 21.17
C LEU E 291 -32.17 -18.47 19.97
N PHE E 292 -32.82 -18.51 18.81
CA PHE E 292 -32.16 -19.00 17.60
C PHE E 292 -30.97 -18.12 17.23
N ALA E 293 -31.14 -16.80 17.32
CA ALA E 293 -30.04 -15.89 17.04
C ALA E 293 -28.88 -16.12 18.01
N ILE E 294 -29.20 -16.29 19.30
CA ILE E 294 -28.15 -16.53 20.29
C ILE E 294 -27.41 -17.82 19.98
N GLY E 295 -28.14 -18.89 19.65
CA GLY E 295 -27.49 -20.15 19.33
C GLY E 295 -26.60 -20.05 18.10
N VAL E 296 -27.07 -19.35 17.07
CA VAL E 296 -26.29 -19.22 15.85
C VAL E 296 -25.01 -18.42 16.10
N ASN E 297 -25.11 -17.31 16.83
CA ASN E 297 -23.90 -16.54 17.08
C ASN E 297 -22.97 -17.26 18.05
N PHE E 298 -23.50 -18.10 18.93
CA PHE E 298 -22.62 -18.94 19.75
C PHE E 298 -21.86 -19.95 18.90
N LEU E 299 -22.54 -20.57 17.92
CA LEU E 299 -21.86 -21.48 17.01
C LEU E 299 -20.77 -20.75 16.22
N ILE E 300 -21.08 -19.53 15.77
CA ILE E 300 -20.09 -18.73 15.05
C ILE E 300 -18.90 -18.44 15.95
N PHE E 301 -19.15 -18.12 17.22
CA PHE E 301 -18.06 -17.88 18.16
C PHE E 301 -17.17 -19.11 18.31
N VAL E 302 -17.79 -20.28 18.42
CA VAL E 302 -17.02 -21.52 18.55
C VAL E 302 -16.15 -21.74 17.32
N ARG E 303 -16.73 -21.55 16.13
CA ARG E 303 -15.98 -21.81 14.90
C ARG E 303 -14.86 -20.80 14.70
N VAL E 304 -15.10 -19.54 15.06
CA VAL E 304 -14.06 -18.53 14.93
C VAL E 304 -12.91 -18.81 15.91
N ILE E 305 -13.23 -19.28 17.12
CA ILE E 305 -12.18 -19.62 18.06
C ILE E 305 -11.40 -20.84 17.56
N CYS E 306 -12.08 -21.80 16.93
CA CYS E 306 -11.38 -22.91 16.32
C CYS E 306 -10.43 -22.44 15.21
N ILE E 307 -10.89 -21.50 14.38
CA ILE E 307 -10.04 -20.95 13.33
C ILE E 307 -8.81 -20.27 13.93
N VAL E 308 -9.02 -19.47 14.96
CA VAL E 308 -7.90 -18.76 15.58
C VAL E 308 -6.93 -19.75 16.22
N VAL E 309 -7.45 -20.81 16.82
CA VAL E 309 -6.58 -21.84 17.40
C VAL E 309 -5.76 -22.50 16.31
N SER E 310 -6.38 -22.80 15.17
CA SER E 310 -5.64 -23.40 14.05
C SER E 310 -4.56 -22.45 13.54
N LYS E 311 -4.87 -21.15 13.47
CA LYS E 311 -3.86 -20.18 13.04
C LYS E 311 -2.70 -20.15 14.01
N LEU E 312 -2.99 -20.15 15.32
CA LEU E 312 -1.94 -20.05 16.32
C LEU E 312 -1.16 -21.34 16.51
N LYS E 313 -1.72 -22.48 16.10
CA LYS E 313 -1.01 -23.75 16.25
C LYS E 313 0.25 -23.79 15.40
N ALA E 314 0.17 -23.28 14.17
CA ALA E 314 1.31 -23.38 13.24
C ALA E 314 2.19 -22.13 13.28
N ASN E 315 1.62 -20.97 12.94
CA ASN E 315 2.38 -19.73 12.83
C ASN E 315 3.64 -19.89 11.99
N ASP E 321 1.85 -16.45 26.02
CA ASP E 321 2.19 -17.07 24.74
C ASP E 321 0.92 -17.45 23.98
N ILE E 322 0.84 -18.72 23.57
CA ILE E 322 -0.32 -19.19 22.82
C ILE E 322 -1.58 -19.11 23.65
N LYS E 323 -1.51 -19.58 24.91
CA LYS E 323 -2.70 -19.56 25.76
C LYS E 323 -3.12 -18.14 26.11
N CYS E 324 -2.15 -17.26 26.39
CA CYS E 324 -2.48 -15.87 26.69
C CYS E 324 -3.12 -15.18 25.49
N ARG E 325 -2.57 -15.41 24.30
CA ARG E 325 -3.13 -14.79 23.10
C ARG E 325 -4.54 -15.33 22.82
N LEU E 326 -4.74 -16.63 22.98
CA LEU E 326 -6.07 -17.19 22.78
C LEU E 326 -7.07 -16.64 23.78
N ALA E 327 -6.66 -16.50 25.05
CA ALA E 327 -7.55 -15.93 26.04
C ALA E 327 -7.89 -14.48 25.72
N LYS E 328 -6.91 -13.70 25.29
CA LYS E 328 -7.17 -12.31 24.92
C LYS E 328 -8.13 -12.23 23.74
N SER E 329 -7.93 -13.08 22.73
CA SER E 329 -8.82 -13.07 21.58
C SER E 329 -10.24 -13.45 21.97
N THR E 330 -10.38 -14.47 22.82
CA THR E 330 -11.73 -14.88 23.26
C THR E 330 -12.40 -13.78 24.06
N LEU E 331 -11.66 -13.14 24.97
CA LEU E 331 -12.24 -12.07 25.78
C LEU E 331 -12.59 -10.86 24.94
N THR E 332 -11.86 -10.64 23.84
CA THR E 332 -12.24 -9.57 22.92
C THR E 332 -13.48 -9.95 22.12
N LEU E 333 -13.61 -11.22 21.74
CA LEU E 333 -14.69 -11.63 20.86
C LEU E 333 -16.02 -11.77 21.58
N ILE E 334 -16.02 -12.15 22.87
CA ILE E 334 -17.29 -12.40 23.56
C ILE E 334 -18.23 -11.21 23.53
N PRO E 335 -17.83 -9.98 23.90
CA PRO E 335 -18.79 -8.88 23.87
C PRO E 335 -19.33 -8.57 22.49
N LEU E 336 -18.52 -8.72 21.44
CA LEU E 336 -18.98 -8.37 20.10
C LEU E 336 -20.10 -9.28 19.63
N LEU E 337 -19.99 -10.58 19.88
CA LEU E 337 -20.96 -11.56 19.40
C LEU E 337 -22.09 -11.80 20.39
N GLY E 338 -22.04 -11.18 21.56
CA GLY E 338 -23.08 -11.40 22.56
C GLY E 338 -23.18 -12.83 23.01
N THR E 339 -22.04 -13.52 23.11
CA THR E 339 -22.05 -14.92 23.54
C THR E 339 -22.47 -15.04 25.01
N HIS E 340 -22.29 -13.97 25.79
CA HIS E 340 -22.57 -14.01 27.22
C HIS E 340 -24.00 -14.45 27.50
N GLU E 341 -24.91 -14.24 26.55
CA GLU E 341 -26.32 -14.55 26.78
C GLU E 341 -26.58 -16.05 26.80
N VAL E 342 -25.64 -16.88 26.34
CA VAL E 342 -25.89 -18.32 26.38
C VAL E 342 -25.92 -18.84 27.80
N ILE E 343 -25.38 -18.06 28.76
CA ILE E 343 -25.29 -18.53 30.13
C ILE E 343 -26.67 -18.74 30.74
N PHE E 344 -27.58 -17.80 30.52
CA PHE E 344 -28.88 -17.85 31.16
C PHE E 344 -30.06 -17.88 30.19
N ALA E 345 -29.92 -17.36 28.97
CA ALA E 345 -31.06 -17.33 28.06
C ALA E 345 -31.58 -18.71 27.72
N PHE E 346 -30.78 -19.75 27.90
CA PHE E 346 -31.21 -21.12 27.67
C PHE E 346 -31.80 -21.77 28.92
N VAL E 347 -31.89 -21.02 30.02
CA VAL E 347 -32.48 -21.54 31.25
C VAL E 347 -34.00 -21.39 31.20
N GLY E 354 -36.14 -13.84 44.20
CA GLY E 354 -36.55 -15.26 44.28
C GLY E 354 -35.40 -16.12 44.74
N THR E 355 -35.07 -17.16 43.99
CA THR E 355 -33.89 -17.98 44.35
C THR E 355 -32.69 -17.36 43.65
N LEU E 356 -32.58 -17.60 42.34
CA LEU E 356 -31.49 -17.00 41.54
C LEU E 356 -31.92 -15.59 41.21
N ARG E 357 -33.23 -15.33 41.19
CA ARG E 357 -33.76 -14.01 40.73
C ARG E 357 -33.05 -12.81 41.36
N PHE E 358 -32.24 -12.98 42.40
CA PHE E 358 -31.54 -11.78 42.90
C PHE E 358 -30.26 -11.67 42.09
N ILE E 359 -29.52 -12.77 42.00
CA ILE E 359 -28.27 -12.81 41.25
C ILE E 359 -28.55 -12.81 39.76
N LYS E 360 -29.63 -13.48 39.33
CA LYS E 360 -29.98 -13.51 37.92
C LYS E 360 -30.17 -12.10 37.37
N LEU E 361 -31.09 -11.33 37.95
CA LEU E 361 -31.32 -9.97 37.49
C LEU E 361 -30.06 -9.12 37.62
N PHE E 362 -29.37 -9.22 38.76
CA PHE E 362 -28.20 -8.38 38.97
C PHE E 362 -27.16 -8.61 37.88
N THR E 363 -26.78 -9.88 37.66
CA THR E 363 -25.74 -10.18 36.68
C THR E 363 -26.19 -9.86 35.26
N GLU E 364 -27.42 -10.24 34.90
CA GLU E 364 -27.87 -10.02 33.53
C GLU E 364 -27.91 -8.52 33.21
N LEU E 365 -28.48 -7.72 34.11
CA LEU E 365 -28.55 -6.29 33.84
C LEU E 365 -27.18 -5.63 33.90
N SER E 366 -26.32 -6.07 34.82
CA SER E 366 -24.98 -5.48 34.91
C SER E 366 -24.18 -5.74 33.63
N PHE E 367 -24.29 -6.95 33.08
CA PHE E 367 -23.59 -7.24 31.82
C PHE E 367 -24.22 -6.49 30.66
N THR E 368 -25.56 -6.51 30.57
CA THR E 368 -26.23 -5.93 29.42
C THR E 368 -26.00 -4.42 29.34
N SER E 369 -26.04 -3.74 30.48
CA SER E 369 -25.90 -2.29 30.47
C SER E 369 -24.53 -1.85 29.98
N PHE E 370 -23.49 -2.63 30.27
CA PHE E 370 -22.12 -2.28 29.88
C PHE E 370 -21.68 -2.96 28.59
N GLN E 371 -22.51 -3.82 27.99
CA GLN E 371 -22.16 -4.39 26.69
C GLN E 371 -21.87 -3.32 25.66
N GLY E 372 -22.67 -2.25 25.65
CA GLY E 372 -22.43 -1.17 24.70
C GLY E 372 -21.08 -0.50 24.93
N LEU E 373 -20.76 -0.23 26.19
CA LEU E 373 -19.46 0.38 26.49
C LEU E 373 -18.31 -0.53 26.06
N MET E 374 -18.45 -1.84 26.29
CA MET E 374 -17.40 -2.76 25.90
C MET E 374 -17.23 -2.81 24.38
N VAL E 375 -18.32 -2.88 23.63
CA VAL E 375 -18.19 -2.96 22.18
C VAL E 375 -17.76 -1.62 21.60
N ALA E 376 -17.98 -0.52 22.29
CA ALA E 376 -17.43 0.76 21.84
C ALA E 376 -15.93 0.83 22.12
N ILE E 377 -15.51 0.42 23.32
CA ILE E 377 -14.09 0.49 23.67
C ILE E 377 -13.26 -0.42 22.80
N LEU E 378 -13.72 -1.66 22.59
CA LEU E 378 -12.91 -2.64 21.88
C LEU E 378 -12.81 -2.34 20.40
N TYR E 379 -13.82 -1.68 19.82
CA TYR E 379 -13.91 -1.55 18.37
C TYR E 379 -14.01 -0.11 17.88
N CYS E 380 -13.79 0.88 18.74
CA CYS E 380 -13.70 2.26 18.26
C CYS E 380 -12.57 3.07 18.86
N PHE E 381 -12.04 2.71 20.03
CA PHE E 381 -10.98 3.48 20.67
C PHE E 381 -9.66 2.74 20.76
N VAL E 382 -9.66 1.53 21.34
CA VAL E 382 -8.42 0.76 21.44
C VAL E 382 -8.00 0.20 20.08
N ASN E 383 -8.90 0.20 19.10
CA ASN E 383 -8.59 -0.33 17.79
C ASN E 383 -7.45 0.46 17.15
N ASN E 384 -6.58 -0.27 16.44
CA ASN E 384 -5.35 0.34 15.94
C ASN E 384 -5.62 1.43 14.91
N GLU E 385 -6.51 1.18 13.95
CA GLU E 385 -6.70 2.11 12.85
C GLU E 385 -7.18 3.46 13.33
N VAL E 386 -8.09 3.48 14.31
CA VAL E 386 -8.57 4.74 14.87
C VAL E 386 -7.43 5.51 15.53
N GLN E 387 -6.58 4.81 16.28
CA GLN E 387 -5.46 5.46 16.93
C GLN E 387 -4.49 6.05 15.91
N LEU E 388 -4.20 5.29 14.85
CA LEU E 388 -3.30 5.81 13.81
C LEU E 388 -3.89 7.02 13.13
N GLU E 389 -5.20 7.01 12.86
CA GLU E 389 -5.82 8.16 12.22
C GLU E 389 -5.82 9.38 13.15
N PHE E 390 -6.03 9.16 14.45
CA PHE E 390 -5.96 10.27 15.39
C PHE E 390 -4.56 10.88 15.43
N ARG E 391 -3.53 10.01 15.45
CA ARG E 391 -2.17 10.52 15.45
C ARG E 391 -1.85 11.27 14.16
N LYS E 392 -2.32 10.75 13.02
CA LYS E 392 -2.11 11.43 11.75
C LYS E 392 -2.79 12.78 11.73
N SER E 393 -4.00 12.85 12.27
CA SER E 393 -4.71 14.14 12.33
C SER E 393 -3.97 15.12 13.21
N TRP E 394 -3.44 14.67 14.35
CA TRP E 394 -2.70 15.57 15.22
C TRP E 394 -1.40 16.04 14.57
N GLU E 395 -0.73 15.15 13.82
CA GLU E 395 0.47 15.56 13.08
C GLU E 395 0.13 16.59 12.01
N ARG E 396 -0.93 16.37 11.25
CA ARG E 396 -1.28 17.30 10.18
C ARG E 396 -1.98 18.55 10.69
N TRP E 397 -2.31 18.61 11.98
CA TRP E 397 -2.83 19.84 12.58
C TRP E 397 -1.75 20.64 13.29
N ARG E 398 -0.70 19.99 13.78
CA ARG E 398 0.35 20.66 14.54
C ARG E 398 1.26 21.53 13.69
N LEU E 399 1.15 21.46 12.36
CA LEU E 399 2.03 22.27 11.52
C LEU E 399 1.81 23.76 11.76
N GLU E 400 0.62 24.16 12.17
CA GLU E 400 0.33 25.56 12.47
C GLU E 400 0.95 25.96 13.79
C01 WB2 F . -33.59 -8.23 44.25
C02 WB2 F . -33.22 -7.52 42.92
C03 WB2 F . -31.99 -8.20 42.30
C04 WB2 F . -33.04 -5.99 43.08
C07 WB2 F . -35.33 -5.55 42.08
C08 WB2 F . -36.48 -5.72 42.87
C09 WB2 F . -37.68 -6.19 42.34
C10 WB2 F . -35.47 -5.90 40.72
C11 WB2 F . -36.70 -6.37 40.19
C12 WB2 F . -37.84 -6.53 40.97
C13 WB2 F . -39.21 -7.05 40.42
C16 WB2 F . -40.56 -8.20 38.59
C17 WB2 F . -40.98 -9.48 39.52
C20 WB2 F . -41.76 -7.15 38.41
C21 WB2 F . -41.42 -5.63 38.51
C22 WB2 F . -40.40 -4.99 37.77
C23 WB2 F . -40.08 -3.62 37.83
C25 WB2 F . -39.44 -2.51 35.84
C26 WB2 F . -40.80 -2.76 38.67
C27 WB2 F . -41.85 -3.35 39.42
C28 WB2 F . -42.14 -4.73 39.34
C30 WB2 F . -39.22 -0.87 39.18
C32 WB2 F . -38.81 0.62 39.29
C33 WB2 F . -39.55 1.69 39.75
C34 WB2 F . -38.89 2.98 39.73
C35 WB2 F . -37.62 2.93 39.24
C37 WB2 F . -42.01 -7.74 36.91
C38 WB2 F . -43.27 -8.80 36.84
C42 WB2 F . -42.95 -5.64 35.79
C44 WB2 F . -42.92 -4.54 34.74
C45 WB2 F . -43.26 -3.22 35.15
C46 WB2 F . -43.26 -2.17 34.23
C47 WB2 F . -42.91 -2.34 32.88
C48 WB2 F . -42.58 -3.66 32.50
C49 WB2 F . -42.59 -4.72 33.42
C51 WB2 F . -44.12 -0.76 31.27
C53 WB2 F . -44.13 0.50 30.32
C54 WB2 F . -45.05 1.66 30.78
C55 WB2 F . -44.54 0.07 28.89
C56 WB2 F . -40.60 -8.49 37.03
C57 WB2 F . -39.47 -7.95 36.07
C58 WB2 F . -38.29 -7.26 36.46
C59 WB2 F . -37.29 -6.78 35.59
C61 WB2 F . -36.39 -4.95 36.85
C62 WB2 F . -37.42 -7.00 34.20
C63 WB2 F . -38.58 -7.68 33.76
C64 WB2 F . -39.56 -8.15 34.66
C66 WB2 F . -36.33 -5.17 32.95
C68 WB2 F . -35.11 -4.50 32.25
C69 WB2 F . -34.48 -4.89 31.09
C70 WB2 F . -33.35 -4.08 30.65
C71 WB2 F . -33.10 -3.06 31.50
N06 WB2 F . -34.08 -5.07 42.65
N15 WB2 F . -39.31 -7.67 39.19
N41 WB2 F . -42.02 -6.69 35.89
N50 WB2 F . -42.93 -1.18 32.00
O05 WB2 F . -32.03 -5.55 43.57
O14 WB2 F . -40.19 -6.91 41.13
O18 WB2 F . -40.52 -10.58 39.17
O19 WB2 F . -41.73 -9.26 40.48
O24 WB2 F . -39.06 -3.07 37.08
O29 WB2 F . -40.48 -1.38 38.71
O31 WB2 F . -38.43 -1.73 39.49
O39 WB2 F . -43.44 -9.39 35.75
O40 WB2 F . -43.99 -8.98 37.83
O43 WB2 F . -43.84 -5.51 36.56
O52 WB2 F . -45.15 -1.39 31.37
O60 WB2 F . -36.17 -6.11 36.08
O65 WB2 F . -36.42 -6.51 33.31
O67 WB2 F . -37.31 -4.50 33.18
S36 WB2 F . -37.27 1.31 38.82
S72 WB2 F . -34.23 -3.08 32.81
#